data_6SEH
#
_entry.id   6SEH
#
_cell.length_a   180.322
_cell.length_b   63.410
_cell.length_c   103.687
_cell.angle_alpha   90.000
_cell.angle_beta   116.697
_cell.angle_gamma   90.000
#
_symmetry.space_group_name_H-M   'C 1 2 1'
#
loop_
_entity.id
_entity.type
_entity.pdbx_description
1 polymer 'Structure-specific endonuclease subunit SLX1'
2 polymer 'Structure-specific endonuclease subunit SLX4'
3 non-polymer 'ZINC ION'
4 water water
#
loop_
_entity_poly.entity_id
_entity_poly.type
_entity_poly.pdbx_seq_one_letter_code
_entity_poly.pdbx_strand_id
1 'polypeptide(L)'
;MTVQCKPIPALYTVYVLRSTVRHASLYIGSTPNPPRRLKQHNGLVPGGAARTSRSSLRPWEMVALVSGFPSMVAALKFQW
ALTNPHLSVHIPSASRLTVATQTKANGRPQRPPRSLASVVANLHLLLRVPSFARWPLRVHFFRRDVFAAWEKWCAAASER
LRPSLAVVTDFEGGSEGLAGAVVGGEEGRERGEGAPCWGIHALPLDYEPIKDYVAKGQEIFEFERQGACVVCREEMASGD
GLQALCTNQGCDGVGHLSCWSRHFLKGAEADSILPVQGQCPKCGGEMEWGNMMKELTLRTRGQKEVEKLLKRKRRRATKK
TANA
;
C,A
2 'polypeptide(L)'
;MEDTETSLVASPTDQQVSLFRYITQAVVTAPRAKDPANPSWHEKMLMYDPIILEDLTAWLNSGQLDRVGYDGEVAPGDVK
KWCESKSVCCLWRVSLNGKERKRF
;
D,B
#
# COMPACT_ATOMS: atom_id res chain seq x y z
N GLN A 4 -22.90 -10.54 -10.98
CA GLN A 4 -21.63 -9.84 -11.22
C GLN A 4 -21.82 -8.68 -12.18
N CYS A 5 -21.05 -7.62 -11.96
CA CYS A 5 -21.12 -6.43 -12.80
C CYS A 5 -19.78 -6.04 -13.42
N LYS A 6 -18.68 -6.68 -13.03
CA LYS A 6 -17.38 -6.46 -13.63
C LYS A 6 -16.93 -7.71 -14.39
N PRO A 7 -16.19 -7.54 -15.48
CA PRO A 7 -15.74 -8.72 -16.25
C PRO A 7 -14.74 -9.55 -15.46
N ILE A 8 -14.59 -10.79 -15.90
CA ILE A 8 -13.67 -11.75 -15.31
C ILE A 8 -12.29 -11.11 -15.21
N PRO A 9 -11.73 -10.97 -14.01
CA PRO A 9 -10.46 -10.24 -13.86
C PRO A 9 -9.36 -10.84 -14.71
N ALA A 10 -8.51 -9.96 -15.25
CA ALA A 10 -7.42 -10.42 -16.12
C ALA A 10 -6.52 -11.42 -15.42
N LEU A 11 -6.40 -11.32 -14.10
CA LEU A 11 -5.58 -12.23 -13.32
C LEU A 11 -5.93 -12.13 -11.85
N TYR A 12 -6.16 -13.26 -11.20
CA TYR A 12 -6.37 -13.28 -9.76
C TYR A 12 -5.79 -14.57 -9.21
N THR A 13 -4.86 -14.46 -8.28
CA THR A 13 -4.10 -15.60 -7.79
C THR A 13 -4.33 -15.84 -6.30
N VAL A 14 -4.05 -17.07 -5.89
CA VAL A 14 -3.92 -17.45 -4.48
C VAL A 14 -2.51 -18.00 -4.32
N TYR A 15 -1.72 -17.36 -3.45
CA TYR A 15 -0.29 -17.63 -3.38
C TYR A 15 0.10 -18.23 -2.03
N VAL A 16 1.20 -18.98 -2.05
CA VAL A 16 1.82 -19.52 -0.85
C VAL A 16 3.11 -18.75 -0.62
N LEU A 17 3.16 -18.00 0.47
CA LEU A 17 4.28 -17.13 0.79
C LEU A 17 5.16 -17.78 1.85
N ARG A 18 6.47 -17.70 1.66
CA ARG A 18 7.41 -18.30 2.60
C ARG A 18 8.45 -17.26 3.02
N SER A 19 8.86 -17.35 4.27
CA SER A 19 9.98 -16.55 4.75
C SER A 19 11.30 -17.20 4.35
N THR A 20 12.28 -16.38 3.98
CA THR A 20 13.63 -16.86 3.77
C THR A 20 14.44 -16.90 5.05
N VAL A 21 14.04 -16.10 6.05
CA VAL A 21 14.68 -16.21 7.37
C VAL A 21 14.35 -17.55 8.00
N ARG A 22 13.08 -17.94 7.95
CA ARG A 22 12.61 -19.21 8.53
C ARG A 22 11.80 -19.95 7.47
N HIS A 23 12.36 -21.03 6.93
CA HIS A 23 11.70 -21.78 5.86
C HIS A 23 10.41 -22.44 6.33
N ALA A 24 10.18 -22.52 7.64
CA ALA A 24 8.99 -23.17 8.17
C ALA A 24 7.80 -22.24 8.32
N SER A 25 7.99 -20.94 8.08
CA SER A 25 6.92 -19.96 8.20
C SER A 25 6.30 -19.75 6.83
N LEU A 26 5.05 -20.21 6.67
CA LEU A 26 4.31 -20.02 5.44
C LEU A 26 3.10 -19.13 5.70
N TYR A 27 2.58 -18.54 4.61
CA TYR A 27 1.51 -17.55 4.71
C TYR A 27 0.72 -17.62 3.42
N ILE A 28 -0.60 -17.62 3.52
CA ILE A 28 -1.49 -17.93 2.41
C ILE A 28 -2.44 -16.76 2.21
N GLY A 29 -2.24 -16.01 1.14
CA GLY A 29 -3.11 -14.90 0.80
C GLY A 29 -3.56 -14.92 -0.64
N SER A 30 -4.11 -13.81 -1.12
CA SER A 30 -4.53 -13.69 -2.51
C SER A 30 -4.34 -12.27 -2.99
N THR A 31 -4.26 -12.13 -4.30
CA THR A 31 -4.03 -10.84 -4.94
C THR A 31 -4.24 -10.99 -6.45
N PRO A 32 -4.61 -9.90 -7.13
CA PRO A 32 -4.56 -9.88 -8.59
C PRO A 32 -3.23 -9.39 -9.16
N ASN A 33 -2.32 -8.94 -8.30
CA ASN A 33 -1.05 -8.34 -8.71
C ASN A 33 0.03 -8.87 -7.77
N PRO A 34 0.59 -10.03 -8.07
CA PRO A 34 1.57 -10.65 -7.16
C PRO A 34 2.81 -9.79 -6.92
N PRO A 35 3.40 -9.17 -7.96
CA PRO A 35 4.59 -8.34 -7.69
C PRO A 35 4.35 -7.24 -6.67
N ARG A 36 3.24 -6.53 -6.77
CA ARG A 36 2.97 -5.45 -5.83
C ARG A 36 2.73 -5.99 -4.42
N ARG A 37 1.97 -7.09 -4.31
CA ARG A 37 1.69 -7.64 -2.99
C ARG A 37 2.96 -8.19 -2.34
N LEU A 38 3.87 -8.77 -3.13
CA LEU A 38 5.15 -9.18 -2.57
C LEU A 38 5.98 -7.97 -2.16
N LYS A 39 5.88 -6.87 -2.91
CA LYS A 39 6.55 -5.64 -2.49
C LYS A 39 5.98 -5.10 -1.20
N GLN A 40 4.68 -5.31 -0.96
CA GLN A 40 4.07 -4.86 0.28
C GLN A 40 4.45 -5.76 1.45
N HIS A 41 4.50 -7.07 1.22
CA HIS A 41 4.92 -8.01 2.26
C HIS A 41 6.36 -7.75 2.70
N ASN A 42 7.17 -7.10 1.86
CA ASN A 42 8.56 -6.81 2.20
C ASN A 42 8.79 -5.32 2.47
N GLY A 43 7.72 -4.59 2.80
CA GLY A 43 7.83 -3.21 3.26
C GLY A 43 8.18 -2.19 2.22
N LEU A 44 8.37 -2.58 0.96
CA LEU A 44 8.77 -1.61 -0.06
C LEU A 44 7.59 -0.80 -0.57
N VAL A 45 6.38 -1.35 -0.48
CA VAL A 45 5.17 -0.64 -0.92
C VAL A 45 4.17 -0.65 0.24
N PRO A 46 3.56 0.49 0.58
CA PRO A 46 2.66 0.53 1.73
C PRO A 46 1.39 -0.29 1.48
N GLY A 47 1.01 -1.10 2.47
CA GLY A 47 -0.21 -1.87 2.36
C GLY A 47 -0.21 -3.25 3.00
N GLY A 48 0.97 -3.76 3.36
CA GLY A 48 1.08 -5.12 3.86
C GLY A 48 0.60 -5.27 5.29
N ALA A 49 0.47 -6.53 5.71
CA ALA A 49 0.01 -6.87 7.05
C ALA A 49 0.98 -6.35 8.11
N ARG A 54 6.18 -6.89 10.70
CA ARG A 54 6.92 -8.01 11.27
C ARG A 54 8.16 -8.36 10.43
N SER A 55 9.13 -7.44 10.39
CA SER A 55 10.28 -7.59 9.50
C SER A 55 11.09 -8.85 9.80
N SER A 56 11.04 -9.33 11.05
CA SER A 56 11.82 -10.46 11.52
C SER A 56 11.95 -11.59 10.50
N LEU A 57 10.90 -11.83 9.72
CA LEU A 57 10.91 -12.86 8.70
C LEU A 57 11.09 -12.33 7.29
N ARG A 58 11.02 -11.02 7.09
CA ARG A 58 11.34 -10.43 5.80
C ARG A 58 12.78 -10.76 5.43
N PRO A 59 13.09 -10.96 4.13
CA PRO A 59 12.16 -10.87 3.00
C PRO A 59 11.37 -12.16 2.74
N TRP A 60 10.13 -12.00 2.29
CA TRP A 60 9.28 -13.11 1.90
C TRP A 60 9.46 -13.45 0.43
N GLU A 61 9.01 -14.65 0.06
CA GLU A 61 9.03 -15.11 -1.31
C GLU A 61 7.73 -15.83 -1.62
N MET A 62 7.37 -15.86 -2.89
CA MET A 62 6.21 -16.62 -3.35
C MET A 62 6.72 -17.90 -3.99
N VAL A 63 6.71 -18.98 -3.21
CA VAL A 63 7.19 -20.27 -3.70
C VAL A 63 6.24 -20.86 -4.73
N ALA A 64 4.96 -20.48 -4.70
CA ALA A 64 3.96 -21.09 -5.56
C ALA A 64 2.69 -20.25 -5.50
N LEU A 65 1.87 -20.39 -6.53
CA LEU A 65 0.56 -19.75 -6.53
C LEU A 65 -0.36 -20.49 -7.50
N VAL A 66 -1.66 -20.37 -7.25
CA VAL A 66 -2.70 -20.87 -8.13
C VAL A 66 -3.35 -19.69 -8.82
N SER A 67 -3.54 -19.80 -10.14
CA SER A 67 -4.00 -18.67 -10.94
C SER A 67 -5.29 -19.02 -11.65
N GLY A 68 -5.84 -18.02 -12.33
CA GLY A 68 -7.07 -18.18 -13.10
C GLY A 68 -8.34 -18.31 -12.29
N PHE A 69 -8.50 -17.51 -11.25
CA PHE A 69 -9.75 -17.50 -10.52
C PHE A 69 -10.72 -16.56 -11.20
N PRO A 70 -11.86 -17.04 -11.70
CA PRO A 70 -12.71 -16.22 -12.58
C PRO A 70 -13.39 -15.05 -11.88
N SER A 71 -13.30 -14.97 -10.55
CA SER A 71 -13.83 -13.82 -9.83
C SER A 71 -13.04 -13.68 -8.54
N MET A 72 -13.03 -12.46 -8.00
CA MET A 72 -12.36 -12.24 -6.72
C MET A 72 -13.03 -13.06 -5.62
N VAL A 73 -14.36 -13.14 -5.64
CA VAL A 73 -15.09 -13.97 -4.67
C VAL A 73 -14.57 -15.39 -4.71
N ALA A 74 -14.43 -15.95 -5.92
CA ALA A 74 -13.96 -17.32 -6.06
C ALA A 74 -12.56 -17.48 -5.47
N ALA A 75 -11.68 -16.53 -5.76
CA ALA A 75 -10.31 -16.61 -5.25
C ALA A 75 -10.28 -16.56 -3.73
N LEU A 76 -11.23 -15.86 -3.11
CA LEU A 76 -11.26 -15.80 -1.65
C LEU A 76 -11.88 -17.05 -1.04
N LYS A 77 -12.92 -17.59 -1.69
CA LYS A 77 -13.46 -18.89 -1.29
C LYS A 77 -12.37 -19.95 -1.27
N PHE A 78 -11.42 -19.86 -2.20
CA PHE A 78 -10.31 -20.81 -2.23
C PHE A 78 -9.28 -20.47 -1.17
N GLN A 79 -8.93 -19.19 -1.03
CA GLN A 79 -7.90 -18.77 -0.07
C GLN A 79 -8.26 -19.23 1.33
N TRP A 80 -9.50 -18.99 1.75
CA TRP A 80 -9.92 -19.39 3.08
C TRP A 80 -9.93 -20.91 3.22
N ALA A 81 -10.32 -21.61 2.16
CA ALA A 81 -10.39 -23.07 2.22
C ALA A 81 -9.02 -23.70 2.40
N LEU A 82 -7.95 -23.00 2.03
CA LEU A 82 -6.59 -23.51 2.16
C LEU A 82 -5.88 -23.04 3.42
N THR A 83 -6.29 -21.91 3.99
CA THR A 83 -5.82 -21.47 5.29
C THR A 83 -6.48 -22.23 6.44
N ASN A 84 -7.46 -23.09 6.14
CA ASN A 84 -8.22 -23.79 7.17
C ASN A 84 -8.54 -25.19 6.70
N PRO A 85 -7.56 -26.10 6.73
CA PRO A 85 -7.82 -27.49 6.34
C PRO A 85 -8.59 -28.27 7.38
N HIS A 86 -8.53 -27.84 8.65
CA HIS A 86 -9.30 -28.49 9.70
C HIS A 86 -10.80 -28.34 9.50
N LEU A 87 -11.23 -27.37 8.70
CA LEU A 87 -12.63 -27.18 8.35
C LEU A 87 -12.93 -27.61 6.92
N SER A 88 -12.10 -28.46 6.35
CA SER A 88 -12.31 -28.95 4.99
C SER A 88 -11.71 -30.34 4.82
N ARG A 114 0.59 -24.16 7.81
CA ARG A 114 1.16 -24.98 8.87
C ARG A 114 2.57 -25.44 8.50
N SER A 115 2.66 -26.26 7.46
CA SER A 115 3.94 -26.73 6.95
C SER A 115 3.81 -26.94 5.44
N LEU A 116 4.97 -26.93 4.76
CA LEU A 116 4.95 -27.11 3.32
C LEU A 116 4.34 -28.46 2.92
N ALA A 117 4.59 -29.49 3.72
CA ALA A 117 4.03 -30.81 3.42
C ALA A 117 2.51 -30.79 3.43
N SER A 118 1.92 -30.16 4.46
CA SER A 118 0.47 -30.10 4.54
C SER A 118 -0.11 -29.11 3.54
N VAL A 119 0.57 -27.97 3.34
CA VAL A 119 0.09 -27.00 2.35
C VAL A 119 0.03 -27.63 0.97
N VAL A 120 1.06 -28.40 0.61
CA VAL A 120 1.08 -29.06 -0.68
C VAL A 120 -0.05 -30.08 -0.79
N ALA A 121 -0.27 -30.85 0.28
CA ALA A 121 -1.29 -31.89 0.26
C ALA A 121 -2.70 -31.30 0.31
N ASN A 122 -2.91 -30.26 1.12
CA ASN A 122 -4.21 -29.60 1.16
C ASN A 122 -4.55 -28.99 -0.20
N LEU A 123 -3.57 -28.35 -0.83
CA LEU A 123 -3.77 -27.80 -2.17
C LEU A 123 -4.16 -28.89 -3.16
N HIS A 124 -3.54 -30.06 -3.05
CA HIS A 124 -3.84 -31.14 -3.98
C HIS A 124 -5.28 -31.63 -3.82
N LEU A 125 -5.74 -31.75 -2.57
CA LEU A 125 -7.11 -32.21 -2.34
C LEU A 125 -8.13 -31.17 -2.79
N LEU A 126 -7.89 -29.90 -2.42
CA LEU A 126 -8.84 -28.84 -2.76
C LEU A 126 -9.09 -28.77 -4.26
N LEU A 127 -8.06 -29.04 -5.06
CA LEU A 127 -8.19 -29.01 -6.51
C LEU A 127 -9.04 -30.15 -7.05
N ARG A 128 -9.33 -31.17 -6.23
CA ARG A 128 -10.23 -32.25 -6.61
C ARG A 128 -11.62 -32.09 -6.02
N VAL A 129 -11.74 -31.37 -4.91
CA VAL A 129 -13.00 -31.07 -4.23
C VAL A 129 -14.00 -30.55 -5.26
N PRO A 130 -15.26 -30.99 -5.21
CA PRO A 130 -16.23 -30.55 -6.24
C PRO A 130 -16.43 -29.05 -6.30
N SER A 131 -16.29 -28.34 -5.18
CA SER A 131 -16.53 -26.90 -5.16
C SER A 131 -15.54 -26.13 -6.02
N PHE A 132 -14.39 -26.73 -6.35
CA PHE A 132 -13.38 -26.06 -7.15
C PHE A 132 -12.90 -26.89 -8.33
N ALA A 133 -13.44 -28.11 -8.51
CA ALA A 133 -12.84 -29.04 -9.46
C ALA A 133 -12.95 -28.55 -10.90
N ARG A 134 -13.97 -27.75 -11.21
CA ARG A 134 -14.24 -27.33 -12.57
C ARG A 134 -13.86 -25.87 -12.83
N TRP A 135 -13.07 -25.27 -11.95
CA TRP A 135 -12.67 -23.89 -12.14
C TRP A 135 -11.48 -23.80 -13.09
N PRO A 136 -11.40 -22.71 -13.88
CA PRO A 136 -10.28 -22.55 -14.85
C PRO A 136 -8.94 -22.22 -14.20
N LEU A 137 -8.36 -23.21 -13.52
CA LEU A 137 -7.22 -22.99 -12.64
C LEU A 137 -5.92 -23.48 -13.27
N ARG A 138 -4.83 -22.84 -12.85
CA ARG A 138 -3.47 -23.22 -13.21
C ARG A 138 -2.61 -23.10 -11.97
N VAL A 139 -1.77 -24.10 -11.74
CA VAL A 139 -0.88 -24.15 -10.58
C VAL A 139 0.53 -23.78 -11.02
N HIS A 140 1.12 -22.81 -10.34
CA HIS A 140 2.46 -22.33 -10.63
C HIS A 140 3.38 -22.63 -9.45
N PHE A 141 4.55 -23.19 -9.74
CA PHE A 141 5.60 -23.37 -8.74
C PHE A 141 6.81 -22.54 -9.13
N PHE A 142 7.52 -22.03 -8.13
CA PHE A 142 8.66 -21.15 -8.35
C PHE A 142 9.93 -21.59 -7.64
N ARG A 143 9.87 -22.62 -6.80
CA ARG A 143 11.01 -23.06 -6.03
C ARG A 143 11.13 -24.57 -6.14
N ARG A 144 12.29 -25.05 -6.59
CA ARG A 144 12.45 -26.47 -6.89
C ARG A 144 12.19 -27.33 -5.66
N ASP A 145 12.42 -26.80 -4.46
CA ASP A 145 12.12 -27.55 -3.24
C ASP A 145 10.62 -27.75 -3.08
N VAL A 146 9.85 -26.66 -3.20
CA VAL A 146 8.41 -26.75 -3.03
C VAL A 146 7.80 -27.59 -4.14
N PHE A 147 8.29 -27.44 -5.36
CA PHE A 147 7.81 -28.26 -6.46
C PHE A 147 8.18 -29.73 -6.26
N ALA A 148 9.29 -29.99 -5.56
CA ALA A 148 9.65 -31.38 -5.27
C ALA A 148 8.64 -32.02 -4.34
N ALA A 149 8.19 -31.28 -3.32
CA ALA A 149 7.19 -31.80 -2.40
C ALA A 149 5.88 -32.08 -3.12
N TRP A 150 5.53 -31.24 -4.10
CA TRP A 150 4.32 -31.47 -4.87
C TRP A 150 4.39 -32.78 -5.63
N GLU A 151 5.54 -33.06 -6.27
CA GLU A 151 5.70 -34.30 -7.01
C GLU A 151 5.79 -35.50 -6.07
N LYS A 152 6.41 -35.32 -4.91
CA LYS A 152 6.44 -36.38 -3.91
C LYS A 152 5.02 -36.75 -3.47
N TRP A 153 4.15 -35.76 -3.32
CA TRP A 153 2.79 -36.02 -2.88
C TRP A 153 1.93 -36.59 -4.00
N CYS A 154 2.10 -36.08 -5.22
CA CYS A 154 1.32 -36.60 -6.35
C CYS A 154 1.69 -38.04 -6.67
N ALA A 155 2.93 -38.44 -6.35
CA ALA A 155 3.32 -39.84 -6.55
C ALA A 155 2.58 -40.78 -5.62
N ALA A 156 2.22 -40.31 -4.42
CA ALA A 156 1.44 -41.10 -3.48
C ALA A 156 -0.04 -40.79 -3.54
N ALA A 157 -0.46 -39.95 -4.50
CA ALA A 157 -1.82 -39.42 -4.49
C ALA A 157 -2.86 -40.52 -4.61
N SER A 158 -4.00 -40.31 -3.94
CA SER A 158 -5.14 -41.22 -4.04
C SER A 158 -5.74 -41.17 -5.44
N GLU A 159 -6.32 -40.02 -5.80
CA GLU A 159 -6.87 -39.79 -7.12
C GLU A 159 -5.91 -38.97 -7.97
N ARG A 160 -5.95 -39.21 -9.27
CA ARG A 160 -5.14 -38.41 -10.19
C ARG A 160 -5.78 -37.04 -10.39
N LEU A 161 -4.94 -36.03 -10.55
CA LEU A 161 -5.44 -34.68 -10.82
C LEU A 161 -5.89 -34.58 -12.26
N ARG A 162 -6.95 -33.79 -12.46
CA ARG A 162 -7.53 -33.61 -13.78
C ARG A 162 -6.47 -33.10 -14.76
N PRO A 163 -6.32 -33.76 -15.92
CA PRO A 163 -5.25 -33.35 -16.84
C PRO A 163 -5.41 -31.94 -17.40
N SER A 164 -6.63 -31.40 -17.43
CA SER A 164 -6.81 -30.01 -17.86
C SER A 164 -6.23 -29.01 -16.88
N LEU A 165 -5.82 -29.46 -15.70
CA LEU A 165 -5.23 -28.59 -14.68
C LEU A 165 -3.74 -28.48 -14.94
N ALA A 166 -3.33 -27.38 -15.56
CA ALA A 166 -1.93 -27.19 -15.93
C ALA A 166 -1.09 -26.90 -14.69
N VAL A 167 -0.09 -27.74 -14.44
CA VAL A 167 0.88 -27.52 -13.37
C VAL A 167 2.19 -27.16 -14.05
N VAL A 168 2.61 -25.89 -13.90
CA VAL A 168 3.77 -25.37 -14.59
C VAL A 168 4.79 -24.88 -13.58
N THR A 169 6.06 -24.97 -13.96
CA THR A 169 7.17 -24.51 -13.14
C THR A 169 7.86 -23.32 -13.82
N ASP A 170 8.55 -22.53 -13.00
CA ASP A 170 9.29 -21.37 -13.51
C ASP A 170 10.32 -20.99 -12.43
N PHE A 171 11.53 -21.53 -12.56
CA PHE A 171 12.58 -21.29 -11.60
C PHE A 171 13.58 -20.28 -12.16
N GLU A 172 14.67 -20.05 -11.43
CA GLU A 172 15.71 -19.12 -11.86
C GLU A 172 16.87 -19.86 -12.50
N CYS A 197 12.95 -11.32 -16.87
CA CYS A 197 12.30 -11.55 -15.59
C CYS A 197 11.62 -12.93 -15.56
N TRP A 198 11.53 -13.52 -14.39
CA TRP A 198 11.08 -14.89 -14.23
C TRP A 198 9.97 -14.93 -13.18
N GLY A 199 9.67 -16.15 -12.69
CA GLY A 199 8.78 -16.37 -11.58
C GLY A 199 7.46 -15.65 -11.64
N ILE A 200 7.14 -14.90 -10.57
CA ILE A 200 5.90 -14.11 -10.55
C ILE A 200 6.00 -12.88 -11.43
N HIS A 201 7.21 -12.39 -11.70
CA HIS A 201 7.38 -11.22 -12.55
C HIS A 201 7.25 -11.55 -14.03
N ALA A 202 6.88 -12.78 -14.36
CA ALA A 202 6.56 -13.17 -15.73
C ALA A 202 5.06 -13.24 -15.98
N LEU A 203 4.27 -13.42 -14.94
CA LEU A 203 2.83 -13.52 -15.09
C LEU A 203 2.25 -12.22 -15.64
N PRO A 204 1.42 -12.28 -16.68
CA PRO A 204 0.86 -11.05 -17.26
C PRO A 204 -0.28 -10.52 -16.39
N LEU A 205 -0.11 -9.29 -15.92
CA LEU A 205 -1.08 -8.67 -15.02
C LEU A 205 -2.28 -8.07 -15.75
N ASP A 206 -2.22 -7.91 -17.06
CA ASP A 206 -3.29 -7.25 -17.80
C ASP A 206 -3.94 -8.24 -18.77
N TYR A 207 -4.78 -7.69 -19.66
CA TYR A 207 -5.50 -8.48 -20.65
C TYR A 207 -4.73 -8.65 -21.95
N GLU A 208 -3.44 -8.30 -21.97
CA GLU A 208 -2.66 -8.36 -23.20
C GLU A 208 -2.60 -9.75 -23.85
N PRO A 209 -2.51 -10.88 -23.10
CA PRO A 209 -2.43 -12.19 -23.76
C PRO A 209 -3.66 -12.60 -24.55
N ILE A 210 -4.70 -11.75 -24.60
CA ILE A 210 -5.89 -12.05 -25.39
C ILE A 210 -6.28 -10.82 -26.20
N LYS A 211 -5.31 -9.96 -26.51
CA LYS A 211 -5.61 -8.70 -27.19
C LYS A 211 -6.21 -8.95 -28.57
N ASP A 212 -5.61 -9.88 -29.34
CA ASP A 212 -6.11 -10.17 -30.68
C ASP A 212 -7.49 -10.83 -30.62
N TYR A 213 -7.69 -11.74 -29.68
CA TYR A 213 -9.00 -12.37 -29.48
C TYR A 213 -10.07 -11.30 -29.25
N VAL A 214 -9.79 -10.35 -28.35
CA VAL A 214 -10.75 -9.30 -28.04
C VAL A 214 -11.03 -8.45 -29.28
N ALA A 215 -9.99 -8.15 -30.05
CA ALA A 215 -10.18 -7.38 -31.28
C ALA A 215 -11.04 -8.14 -32.28
N LYS A 216 -10.92 -9.47 -32.30
CA LYS A 216 -11.73 -10.28 -33.21
C LYS A 216 -13.21 -10.13 -32.91
N GLY A 217 -13.57 -10.19 -31.62
CA GLY A 217 -14.96 -9.99 -31.25
C GLY A 217 -15.44 -8.57 -31.52
N GLN A 218 -14.57 -7.59 -31.31
CA GLN A 218 -14.95 -6.21 -31.58
C GLN A 218 -15.31 -6.00 -33.04
N GLU A 219 -14.77 -6.82 -33.95
CA GLU A 219 -15.17 -6.75 -35.35
C GLU A 219 -16.45 -7.53 -35.60
N ILE A 220 -16.48 -8.79 -35.16
CA ILE A 220 -17.59 -9.68 -35.48
C ILE A 220 -18.91 -9.12 -34.97
N PHE A 221 -18.90 -8.57 -33.76
CA PHE A 221 -20.14 -8.17 -33.11
C PHE A 221 -20.50 -6.71 -33.34
N GLU A 222 -19.53 -5.85 -33.63
CA GLU A 222 -19.85 -4.47 -33.98
C GLU A 222 -20.46 -4.37 -35.38
N PHE A 223 -19.99 -5.20 -36.30
CA PHE A 223 -20.46 -5.18 -37.67
C PHE A 223 -21.46 -6.29 -37.97
N GLU A 224 -21.94 -6.99 -36.94
CA GLU A 224 -23.01 -7.96 -37.05
C GLU A 224 -22.66 -9.11 -38.00
N ARG A 225 -21.38 -9.47 -38.05
CA ARG A 225 -20.92 -10.66 -38.76
C ARG A 225 -21.07 -11.93 -37.92
N GLN A 226 -21.91 -11.87 -36.88
CA GLN A 226 -22.09 -13.00 -35.97
C GLN A 226 -22.62 -14.23 -36.70
N GLY A 227 -23.39 -14.03 -37.77
CA GLY A 227 -23.92 -15.13 -38.55
C GLY A 227 -24.92 -15.97 -37.78
N ALA A 228 -24.94 -17.25 -38.09
CA ALA A 228 -25.81 -18.20 -37.43
C ALA A 228 -25.02 -19.00 -36.39
N CYS A 229 -25.72 -19.41 -35.33
CA CYS A 229 -25.09 -20.22 -34.30
C CYS A 229 -24.49 -21.48 -34.90
N VAL A 230 -23.42 -21.97 -34.28
CA VAL A 230 -22.70 -23.13 -34.78
C VAL A 230 -23.07 -24.40 -34.03
N VAL A 231 -24.18 -24.39 -33.28
CA VAL A 231 -24.67 -25.58 -32.61
C VAL A 231 -26.12 -25.84 -33.03
N CYS A 232 -26.99 -24.86 -32.78
CA CYS A 232 -28.39 -24.96 -33.21
C CYS A 232 -28.59 -24.54 -34.65
N ARG A 233 -27.65 -23.78 -35.22
CA ARG A 233 -27.63 -23.32 -36.61
C ARG A 233 -28.68 -22.23 -36.87
N GLU A 234 -29.50 -21.88 -35.88
CA GLU A 234 -30.47 -20.82 -36.07
C GLU A 234 -29.79 -19.46 -36.16
N GLU A 235 -30.28 -18.62 -37.06
CA GLU A 235 -29.64 -17.33 -37.31
C GLU A 235 -29.88 -16.39 -36.14
N MET A 236 -28.81 -15.96 -35.49
CA MET A 236 -28.88 -15.11 -34.31
C MET A 236 -28.92 -13.64 -34.70
N ALA A 237 -29.89 -12.92 -34.17
CA ALA A 237 -29.96 -11.49 -34.37
C ALA A 237 -28.88 -10.79 -33.55
N SER A 238 -28.72 -9.50 -33.79
CA SER A 238 -27.71 -8.71 -33.09
C SER A 238 -28.19 -8.35 -31.69
N GLY A 239 -27.32 -8.52 -30.70
CA GLY A 239 -27.69 -8.27 -29.33
C GLY A 239 -28.83 -9.12 -28.82
N ASP A 240 -29.07 -10.26 -29.45
CA ASP A 240 -30.18 -11.15 -29.09
C ASP A 240 -29.61 -12.28 -28.24
N GLY A 241 -29.52 -12.02 -26.94
CA GLY A 241 -28.98 -12.99 -26.02
C GLY A 241 -27.46 -12.95 -25.97
N LEU A 242 -26.91 -13.74 -25.05
CA LEU A 242 -25.47 -13.83 -24.87
C LEU A 242 -24.88 -14.74 -25.95
N GLN A 243 -24.05 -14.17 -26.81
CA GLN A 243 -23.44 -14.89 -27.92
C GLN A 243 -21.94 -14.99 -27.67
N ALA A 244 -21.44 -16.21 -27.51
CA ALA A 244 -20.05 -16.47 -27.16
C ALA A 244 -19.25 -16.80 -28.41
N LEU A 245 -18.06 -16.24 -28.53
CA LEU A 245 -17.22 -16.36 -29.71
C LEU A 245 -16.07 -17.32 -29.46
N CYS A 246 -15.73 -18.10 -30.49
CA CYS A 246 -14.63 -19.05 -30.39
C CYS A 246 -13.29 -18.33 -30.26
N THR A 247 -12.30 -19.06 -29.76
CA THR A 247 -11.02 -18.45 -29.37
C THR A 247 -9.97 -18.50 -30.47
N ASN A 248 -9.90 -19.61 -31.22
CA ASN A 248 -8.80 -19.81 -32.15
C ASN A 248 -8.86 -18.83 -33.31
N GLN A 249 -7.71 -18.22 -33.62
CA GLN A 249 -7.65 -17.20 -34.65
C GLN A 249 -7.98 -17.79 -36.02
N GLY A 250 -8.47 -16.93 -36.91
CA GLY A 250 -8.89 -17.34 -38.22
C GLY A 250 -10.31 -17.87 -38.32
N CYS A 251 -10.94 -18.15 -37.19
CA CYS A 251 -12.30 -18.66 -37.14
C CYS A 251 -13.22 -17.62 -36.52
N ASP A 252 -14.41 -17.47 -37.09
CA ASP A 252 -15.40 -16.52 -36.60
C ASP A 252 -16.69 -17.22 -36.16
N GLY A 253 -16.56 -18.44 -35.65
CA GLY A 253 -17.73 -19.18 -35.22
C GLY A 253 -18.32 -18.60 -33.93
N VAL A 254 -19.62 -18.34 -33.96
CA VAL A 254 -20.34 -17.77 -32.82
C VAL A 254 -21.54 -18.65 -32.52
N GLY A 255 -21.93 -18.69 -31.26
CA GLY A 255 -23.11 -19.43 -30.86
C GLY A 255 -23.72 -18.88 -29.59
N HIS A 256 -24.99 -19.23 -29.38
CA HIS A 256 -25.66 -18.86 -28.14
C HIS A 256 -24.92 -19.48 -26.96
N LEU A 257 -24.85 -18.73 -25.85
CA LEU A 257 -24.01 -19.12 -24.72
C LEU A 257 -24.43 -20.49 -24.19
N SER A 258 -25.73 -20.70 -23.98
CA SER A 258 -26.20 -21.97 -23.44
C SER A 258 -26.05 -23.11 -24.43
N CYS A 259 -25.84 -22.81 -25.72
CA CYS A 259 -25.63 -23.87 -26.70
C CYS A 259 -24.23 -24.47 -26.60
N TRP A 260 -23.22 -23.62 -26.38
CA TRP A 260 -21.86 -24.13 -26.19
C TRP A 260 -21.80 -25.04 -24.96
N SER A 261 -22.41 -24.61 -23.85
CA SER A 261 -22.44 -25.43 -22.65
C SER A 261 -23.07 -26.79 -22.93
N ARG A 262 -24.22 -26.78 -23.60
CA ARG A 262 -24.84 -28.02 -24.05
C ARG A 262 -23.88 -28.85 -24.89
N HIS A 263 -23.07 -28.19 -25.73
CA HIS A 263 -22.17 -28.90 -26.62
C HIS A 263 -20.97 -29.46 -25.88
N PHE A 264 -20.30 -28.63 -25.08
CA PHE A 264 -19.12 -29.09 -24.34
C PHE A 264 -19.45 -30.26 -23.42
N LEU A 265 -20.68 -30.31 -22.89
CA LEU A 265 -21.09 -31.34 -21.96
C LEU A 265 -21.94 -32.36 -22.72
N LYS A 266 -21.31 -33.43 -23.17
CA LYS A 266 -22.02 -34.50 -23.87
C LYS A 266 -21.65 -35.86 -23.29
N ASP A 271 -25.99 -33.89 -16.09
CA ASP A 271 -25.05 -34.16 -15.01
C ASP A 271 -24.40 -32.88 -14.49
N SER A 272 -23.75 -32.15 -15.39
CA SER A 272 -22.90 -31.03 -15.00
C SER A 272 -23.50 -29.70 -15.49
N ILE A 273 -23.06 -28.62 -14.84
CA ILE A 273 -23.48 -27.28 -15.20
C ILE A 273 -22.36 -26.47 -15.86
N LEU A 274 -21.10 -26.72 -15.48
CA LEU A 274 -19.99 -25.85 -15.85
C LEU A 274 -19.06 -26.56 -16.82
N PRO A 275 -18.90 -26.08 -18.05
CA PRO A 275 -17.95 -26.72 -18.96
C PRO A 275 -16.52 -26.41 -18.57
N VAL A 276 -15.61 -27.27 -19.02
CA VAL A 276 -14.18 -27.12 -18.72
C VAL A 276 -13.38 -27.08 -20.01
N GLN A 277 -13.29 -28.23 -20.68
CA GLN A 277 -12.58 -28.37 -21.94
C GLN A 277 -13.60 -28.66 -23.05
N GLY A 278 -13.17 -28.45 -24.30
CA GLY A 278 -14.04 -28.72 -25.42
C GLY A 278 -13.48 -28.31 -26.77
N GLN A 279 -14.08 -28.84 -27.84
CA GLN A 279 -13.63 -28.57 -29.20
C GLN A 279 -14.63 -27.71 -29.94
N CYS A 280 -14.12 -26.98 -30.94
CA CYS A 280 -14.95 -26.10 -31.74
C CYS A 280 -15.64 -26.88 -32.86
N PRO A 281 -16.94 -26.65 -33.09
CA PRO A 281 -17.59 -27.37 -34.19
C PRO A 281 -17.14 -26.89 -35.57
N LYS A 282 -16.98 -25.58 -35.77
CA LYS A 282 -16.67 -25.06 -37.09
C LYS A 282 -15.23 -25.39 -37.50
N CYS A 283 -14.25 -24.97 -36.69
CA CYS A 283 -12.84 -25.08 -37.03
C CYS A 283 -12.17 -26.30 -36.44
N GLY A 284 -12.79 -26.99 -35.49
CA GLY A 284 -12.22 -28.19 -34.91
C GLY A 284 -11.17 -27.96 -33.84
N GLY A 285 -10.86 -26.70 -33.50
CA GLY A 285 -9.88 -26.42 -32.47
C GLY A 285 -10.41 -26.67 -31.08
N GLU A 286 -9.50 -26.63 -30.11
CA GLU A 286 -9.82 -26.88 -28.71
C GLU A 286 -9.80 -25.56 -27.94
N MET A 287 -10.73 -25.42 -26.99
CA MET A 287 -10.85 -24.22 -26.17
C MET A 287 -11.06 -24.61 -24.71
N GLU A 288 -10.66 -23.71 -23.82
CA GLU A 288 -10.97 -23.83 -22.40
C GLU A 288 -12.09 -22.84 -22.06
N TRP A 289 -13.10 -23.33 -21.34
CA TRP A 289 -14.30 -22.52 -21.09
C TRP A 289 -13.97 -21.22 -20.37
N GLY A 290 -12.89 -21.20 -19.59
CA GLY A 290 -12.53 -19.98 -18.87
C GLY A 290 -12.19 -18.84 -19.81
N ASN A 291 -11.41 -19.13 -20.85
CA ASN A 291 -11.01 -18.09 -21.80
C ASN A 291 -12.22 -17.55 -22.56
N MET A 292 -13.12 -18.44 -23.01
CA MET A 292 -14.27 -18.00 -23.76
C MET A 292 -15.16 -17.08 -22.93
N MET A 293 -15.26 -17.33 -21.64
CA MET A 293 -16.03 -16.44 -20.77
C MET A 293 -15.28 -15.15 -20.48
N LYS A 294 -13.95 -15.22 -20.34
CA LYS A 294 -13.18 -14.01 -20.08
C LYS A 294 -13.30 -13.00 -21.22
N GLU A 295 -13.61 -13.46 -22.43
CA GLU A 295 -13.87 -12.55 -23.53
C GLU A 295 -15.33 -12.11 -23.57
N LEU A 296 -16.27 -13.02 -23.32
CA LEU A 296 -17.68 -12.66 -23.32
C LEU A 296 -17.97 -11.60 -22.27
N THR A 297 -17.52 -11.83 -21.03
CA THR A 297 -17.75 -10.86 -19.98
C THR A 297 -17.03 -9.55 -20.27
N LEU A 298 -15.82 -9.64 -20.85
CA LEU A 298 -15.10 -8.43 -21.24
C LEU A 298 -15.91 -7.61 -22.23
N ARG A 299 -16.58 -8.27 -23.18
CA ARG A 299 -17.36 -7.55 -24.19
C ARG A 299 -18.69 -7.06 -23.60
N THR A 300 -19.35 -7.88 -22.79
CA THR A 300 -20.65 -7.49 -22.24
C THR A 300 -20.52 -6.37 -21.21
N ARG A 301 -19.60 -6.51 -20.26
CA ARG A 301 -19.48 -5.58 -19.14
C ARG A 301 -18.35 -4.56 -19.33
N GLY A 302 -17.13 -5.03 -19.58
CA GLY A 302 -15.98 -4.15 -19.62
C GLY A 302 -15.76 -3.40 -20.93
N GLN A 303 -16.63 -2.44 -21.25
CA GLN A 303 -16.39 -1.59 -22.40
C GLN A 303 -15.18 -0.68 -22.17
N LYS A 304 -15.01 -0.18 -20.95
CA LYS A 304 -13.87 0.66 -20.65
C LYS A 304 -12.57 -0.15 -20.67
N GLU A 305 -12.60 -1.36 -20.10
CA GLU A 305 -11.41 -2.19 -20.08
C GLU A 305 -10.97 -2.55 -21.50
N VAL A 306 -11.93 -2.74 -22.41
CA VAL A 306 -11.58 -3.06 -23.79
C VAL A 306 -10.91 -1.88 -24.48
N GLU A 307 -11.38 -0.66 -24.19
CA GLU A 307 -10.79 0.51 -24.83
C GLU A 307 -9.34 0.70 -24.44
N LYS A 308 -9.03 0.54 -23.15
CA LYS A 308 -7.65 0.67 -22.69
C LYS A 308 -6.74 -0.40 -23.30
N LEU A 309 -7.29 -1.56 -23.64
CA LEU A 309 -6.46 -2.63 -24.20
C LEU A 309 -6.03 -2.32 -25.62
N LEU A 310 -6.99 -2.00 -26.49
CA LEU A 310 -6.73 -1.76 -27.91
C LEU A 310 -6.39 -0.30 -28.21
N LYS A 311 -6.16 0.52 -27.19
CA LYS A 311 -5.89 1.95 -27.36
C LYS A 311 -6.97 2.62 -28.21
N ARG A 312 -8.23 2.42 -27.83
CA ARG A 312 -9.34 3.04 -28.52
C ARG A 312 -10.01 4.12 -27.67
N PRO B 12 -24.70 -35.82 -1.63
CA PRO B 12 -24.07 -36.58 -0.54
C PRO B 12 -25.10 -37.25 0.38
N THR B 13 -26.04 -36.49 0.92
CA THR B 13 -27.08 -37.07 1.75
C THR B 13 -28.16 -37.71 0.87
N ASP B 14 -28.82 -38.73 1.42
CA ASP B 14 -29.74 -39.55 0.63
C ASP B 14 -30.93 -38.76 0.11
N GLN B 15 -31.32 -37.68 0.81
CA GLN B 15 -32.47 -36.91 0.40
C GLN B 15 -32.14 -35.78 -0.57
N GLN B 16 -30.93 -35.20 -0.47
CA GLN B 16 -30.57 -34.11 -1.37
C GLN B 16 -30.50 -34.56 -2.83
N VAL B 17 -30.02 -35.79 -3.06
CA VAL B 17 -29.73 -36.26 -4.41
C VAL B 17 -30.97 -36.18 -5.31
N SER B 18 -32.15 -36.38 -4.72
CA SER B 18 -33.38 -36.18 -5.48
C SER B 18 -33.63 -34.70 -5.73
N LEU B 19 -33.46 -33.88 -4.68
CA LEU B 19 -33.68 -32.45 -4.82
C LEU B 19 -32.70 -31.82 -5.80
N PHE B 20 -31.49 -32.37 -5.91
CA PHE B 20 -30.49 -31.79 -6.82
C PHE B 20 -30.90 -31.98 -8.27
N ARG B 21 -31.51 -33.11 -8.62
CA ARG B 21 -31.93 -33.32 -10.01
C ARG B 21 -32.98 -32.29 -10.42
N TYR B 22 -33.81 -31.85 -9.49
CA TYR B 22 -34.80 -30.82 -9.79
C TYR B 22 -34.17 -29.44 -9.87
N ILE B 23 -33.30 -29.10 -8.90
CA ILE B 23 -32.64 -27.80 -8.91
C ILE B 23 -31.83 -27.62 -10.18
N THR B 24 -31.15 -28.69 -10.62
CA THR B 24 -30.46 -28.64 -11.91
C THR B 24 -31.46 -28.37 -13.03
N GLN B 25 -32.58 -29.10 -13.03
CA GLN B 25 -33.58 -28.95 -14.09
C GLN B 25 -34.10 -27.52 -14.16
N ALA B 26 -34.60 -26.99 -13.04
CA ALA B 26 -35.20 -25.66 -13.04
C ALA B 26 -34.23 -24.59 -13.54
N VAL B 27 -32.94 -24.73 -13.18
CA VAL B 27 -31.97 -23.73 -13.58
C VAL B 27 -31.72 -23.80 -15.09
N VAL B 28 -31.51 -25.01 -15.62
CA VAL B 28 -31.08 -25.17 -17.01
C VAL B 28 -32.22 -25.16 -18.02
N THR B 29 -33.47 -25.29 -17.58
CA THR B 29 -34.62 -25.20 -18.47
C THR B 29 -35.26 -23.82 -18.50
N ALA B 30 -34.88 -22.94 -17.58
CA ALA B 30 -35.41 -21.58 -17.59
C ALA B 30 -35.04 -20.88 -18.90
N PRO B 31 -35.96 -20.09 -19.46
CA PRO B 31 -35.68 -19.45 -20.76
C PRO B 31 -34.40 -18.62 -20.72
N ARG B 32 -33.59 -18.77 -21.77
CA ARG B 32 -32.40 -17.94 -21.90
C ARG B 32 -32.81 -16.49 -22.09
N ALA B 33 -31.94 -15.58 -21.64
CA ALA B 33 -32.26 -14.17 -21.67
C ALA B 33 -32.15 -13.62 -23.08
N LYS B 34 -33.02 -12.67 -23.38
CA LYS B 34 -32.96 -11.97 -24.66
C LYS B 34 -32.14 -10.69 -24.58
N ASP B 35 -31.93 -10.16 -23.38
CA ASP B 35 -31.07 -9.01 -23.17
C ASP B 35 -29.76 -9.49 -22.59
N PRO B 36 -28.62 -9.26 -23.26
CA PRO B 36 -27.33 -9.71 -22.69
C PRO B 36 -26.99 -9.09 -21.34
N ALA B 37 -27.61 -7.96 -20.98
CA ALA B 37 -27.25 -7.31 -19.73
C ALA B 37 -27.87 -8.00 -18.53
N ASN B 38 -29.02 -8.64 -18.71
CA ASN B 38 -29.75 -9.31 -17.63
C ASN B 38 -29.84 -10.80 -17.96
N PRO B 39 -28.80 -11.56 -17.68
CA PRO B 39 -28.78 -12.98 -18.06
C PRO B 39 -29.66 -13.83 -17.14
N SER B 40 -29.96 -15.04 -17.63
CA SER B 40 -30.66 -16.01 -16.81
C SER B 40 -29.72 -16.58 -15.75
N TRP B 41 -30.29 -17.30 -14.78
CA TRP B 41 -29.49 -17.85 -13.70
C TRP B 41 -28.51 -18.90 -14.22
N HIS B 42 -28.98 -19.76 -15.14
CA HIS B 42 -28.07 -20.74 -15.74
C HIS B 42 -26.92 -20.04 -16.46
N GLU B 43 -27.22 -18.99 -17.21
CA GLU B 43 -26.18 -18.28 -17.94
C GLU B 43 -25.22 -17.57 -16.99
N LYS B 44 -25.74 -17.07 -15.87
CA LYS B 44 -24.89 -16.43 -14.88
C LYS B 44 -23.85 -17.40 -14.33
N MET B 45 -24.26 -18.63 -14.03
CA MET B 45 -23.30 -19.63 -13.57
C MET B 45 -22.30 -19.96 -14.66
N LEU B 46 -22.76 -20.04 -15.91
CA LEU B 46 -21.86 -20.36 -17.02
C LEU B 46 -20.71 -19.36 -17.12
N MET B 47 -20.97 -18.10 -16.80
CA MET B 47 -19.97 -17.03 -16.89
C MET B 47 -19.22 -16.82 -15.59
N TYR B 48 -19.28 -17.79 -14.67
CA TYR B 48 -18.52 -17.78 -13.42
C TYR B 48 -18.94 -16.68 -12.47
N ASP B 49 -20.19 -16.21 -12.57
CA ASP B 49 -20.65 -15.14 -11.70
C ASP B 49 -20.83 -15.65 -10.27
N PRO B 50 -20.38 -14.89 -9.27
CA PRO B 50 -20.73 -15.24 -7.88
C PRO B 50 -22.23 -15.12 -7.68
N ILE B 51 -22.82 -16.18 -7.11
CA ILE B 51 -24.26 -16.38 -7.08
C ILE B 51 -24.76 -16.11 -5.67
N ILE B 52 -25.53 -15.04 -5.50
CA ILE B 52 -26.10 -14.74 -4.20
C ILE B 52 -27.20 -15.75 -3.90
N LEU B 53 -27.01 -16.51 -2.81
CA LEU B 53 -27.91 -17.63 -2.52
C LEU B 53 -29.32 -17.14 -2.21
N GLU B 54 -29.46 -16.00 -1.54
CA GLU B 54 -30.79 -15.46 -1.26
C GLU B 54 -31.55 -15.21 -2.55
N ASP B 55 -30.87 -14.63 -3.55
CA ASP B 55 -31.54 -14.34 -4.82
C ASP B 55 -31.91 -15.63 -5.55
N LEU B 56 -30.97 -16.58 -5.62
CA LEU B 56 -31.23 -17.83 -6.33
C LEU B 56 -32.29 -18.66 -5.62
N THR B 57 -32.18 -18.80 -4.30
CA THR B 57 -33.17 -19.59 -3.55
C THR B 57 -34.56 -18.98 -3.70
N ALA B 58 -34.65 -17.65 -3.64
CA ALA B 58 -35.95 -16.99 -3.84
C ALA B 58 -36.46 -17.25 -5.24
N TRP B 59 -35.58 -17.17 -6.25
CA TRP B 59 -36.00 -17.47 -7.62
C TRP B 59 -36.43 -18.93 -7.76
N LEU B 60 -35.75 -19.83 -7.03
CA LEU B 60 -36.12 -21.24 -7.08
C LEU B 60 -37.49 -21.49 -6.46
N ASN B 61 -37.91 -20.64 -5.50
CA ASN B 61 -39.19 -20.77 -4.84
C ASN B 61 -40.25 -19.85 -5.44
N SER B 62 -39.93 -19.15 -6.52
CA SER B 62 -40.92 -18.33 -7.20
C SER B 62 -41.96 -19.17 -7.94
N GLY B 63 -41.67 -20.45 -8.15
CA GLY B 63 -42.54 -21.31 -8.93
C GLY B 63 -41.74 -22.10 -9.94
N GLN B 64 -40.41 -21.94 -9.89
CA GLN B 64 -39.53 -22.63 -10.81
C GLN B 64 -39.32 -24.10 -10.44
N LEU B 65 -39.54 -24.45 -9.17
CA LEU B 65 -39.50 -25.85 -8.77
C LEU B 65 -40.83 -26.54 -8.95
N ASP B 66 -41.94 -25.81 -8.84
CA ASP B 66 -43.25 -26.39 -9.16
C ASP B 66 -43.36 -26.67 -10.65
N ARG B 67 -42.60 -25.94 -11.48
CA ARG B 67 -42.64 -26.19 -12.92
C ARG B 67 -42.01 -27.53 -13.26
N VAL B 68 -40.88 -27.86 -12.64
CA VAL B 68 -40.15 -29.08 -12.97
C VAL B 68 -40.59 -30.23 -12.07
N GLY B 69 -41.69 -30.03 -11.35
CA GLY B 69 -42.33 -31.13 -10.64
C GLY B 69 -41.86 -31.39 -9.23
N TYR B 70 -41.51 -30.35 -8.48
CA TYR B 70 -41.13 -30.50 -7.07
C TYR B 70 -42.07 -29.63 -6.25
N ASP B 71 -43.07 -30.27 -5.64
CA ASP B 71 -43.95 -29.57 -4.71
C ASP B 71 -43.21 -29.34 -3.40
N GLY B 72 -43.28 -28.10 -2.89
CA GLY B 72 -42.64 -27.79 -1.64
C GLY B 72 -41.64 -26.65 -1.74
N GLU B 73 -40.77 -26.53 -0.75
CA GLU B 73 -39.86 -25.40 -0.64
C GLU B 73 -38.45 -25.90 -0.38
N VAL B 74 -37.47 -25.08 -0.76
CA VAL B 74 -36.06 -25.42 -0.61
C VAL B 74 -35.42 -24.41 0.33
N ALA B 75 -34.43 -24.87 1.09
CA ALA B 75 -33.69 -24.05 2.01
C ALA B 75 -32.41 -23.55 1.36
N PRO B 76 -31.91 -22.37 1.76
CA PRO B 76 -30.68 -21.86 1.12
C PRO B 76 -29.48 -22.76 1.34
N GLY B 77 -29.39 -23.41 2.51
CA GLY B 77 -28.29 -24.32 2.76
C GLY B 77 -28.29 -25.49 1.79
N ASP B 78 -29.47 -26.03 1.48
CA ASP B 78 -29.56 -27.08 0.48
C ASP B 78 -29.15 -26.57 -0.90
N VAL B 79 -29.43 -25.30 -1.20
CA VAL B 79 -29.06 -24.73 -2.48
C VAL B 79 -27.55 -24.51 -2.55
N LYS B 80 -26.95 -24.06 -1.45
CA LYS B 80 -25.49 -23.89 -1.41
C LYS B 80 -24.79 -25.21 -1.65
N LYS B 81 -25.29 -26.28 -1.04
CA LYS B 81 -24.72 -27.60 -1.29
C LYS B 81 -24.90 -28.01 -2.74
N TRP B 82 -25.97 -27.57 -3.39
CA TRP B 82 -26.13 -27.82 -4.82
C TRP B 82 -25.03 -27.12 -5.61
N CYS B 83 -24.82 -25.83 -5.35
CA CYS B 83 -23.81 -25.07 -6.10
C CYS B 83 -22.43 -25.71 -5.98
N GLU B 84 -22.07 -26.13 -4.77
CA GLU B 84 -20.74 -26.68 -4.54
C GLU B 84 -20.55 -28.02 -5.23
N SER B 85 -21.62 -28.81 -5.35
CA SER B 85 -21.52 -30.07 -6.08
C SER B 85 -21.29 -29.85 -7.58
N LYS B 86 -21.59 -28.64 -8.08
CA LYS B 86 -21.45 -28.33 -9.49
C LYS B 86 -20.34 -27.33 -9.76
N SER B 87 -19.46 -27.10 -8.77
CA SER B 87 -18.37 -26.13 -8.87
C SER B 87 -18.88 -24.72 -9.18
N VAL B 88 -20.12 -24.41 -8.81
CA VAL B 88 -20.68 -23.08 -9.03
C VAL B 88 -20.30 -22.20 -7.85
N CYS B 89 -19.65 -21.08 -8.14
CA CYS B 89 -19.28 -20.16 -7.07
C CYS B 89 -20.51 -19.46 -6.51
N CYS B 90 -20.71 -19.59 -5.21
CA CYS B 90 -21.84 -18.97 -4.54
C CYS B 90 -21.35 -18.31 -3.25
N LEU B 91 -22.20 -17.43 -2.70
CA LEU B 91 -21.85 -16.69 -1.50
C LEU B 91 -23.14 -16.21 -0.84
N TRP B 92 -23.08 -16.02 0.48
CA TRP B 92 -24.19 -15.43 1.19
C TRP B 92 -24.24 -13.92 0.96
N ARG B 93 -25.41 -13.34 1.19
CA ARG B 93 -25.59 -11.91 1.01
C ARG B 93 -25.24 -11.15 2.29
N GLN C 4 17.77 6.42 11.91
CA GLN C 4 17.05 6.23 13.17
C GLN C 4 15.91 5.25 12.99
N CYS C 5 14.99 5.23 13.96
CA CYS C 5 13.85 4.34 13.91
C CYS C 5 12.54 4.99 14.34
N LYS C 6 12.54 6.29 14.63
CA LYS C 6 11.33 7.00 15.01
C LYS C 6 11.10 8.17 14.05
N PRO C 7 9.90 8.34 13.52
CA PRO C 7 9.62 9.48 12.65
C PRO C 7 9.73 10.79 13.40
N ILE C 8 9.70 11.88 12.64
CA ILE C 8 9.74 13.22 13.23
C ILE C 8 8.52 13.42 14.12
N PRO C 9 8.70 13.84 15.38
CA PRO C 9 7.56 13.95 16.28
C PRO C 9 6.49 14.91 15.77
N ALA C 10 5.24 14.52 15.95
CA ALA C 10 4.11 15.34 15.52
C ALA C 10 4.15 16.73 16.14
N LEU C 11 4.56 16.80 17.41
CA LEU C 11 4.70 18.06 18.11
C LEU C 11 5.77 17.88 19.18
N TYR C 12 6.76 18.75 19.17
CA TYR C 12 7.78 18.73 20.23
C TYR C 12 8.24 20.16 20.43
N THR C 13 7.88 20.75 21.55
CA THR C 13 8.09 22.16 21.82
C THR C 13 9.20 22.37 22.85
N VAL C 14 9.55 23.65 23.03
CA VAL C 14 10.41 24.11 24.11
C VAL C 14 9.69 25.31 24.71
N TYR C 15 9.18 25.15 25.93
CA TYR C 15 8.27 26.12 26.51
C TYR C 15 9.00 27.06 27.46
N VAL C 16 8.36 28.20 27.73
CA VAL C 16 8.74 29.08 28.82
C VAL C 16 7.51 29.26 29.71
N LEU C 17 7.70 29.11 31.02
CA LEU C 17 6.60 29.03 31.97
C LEU C 17 6.67 30.20 32.93
N ARG C 18 5.50 30.64 33.38
CA ARG C 18 5.40 31.78 34.28
C ARG C 18 4.37 31.49 35.36
N SER C 19 4.65 31.99 36.56
CA SER C 19 3.72 31.86 37.67
C SER C 19 2.71 33.00 37.61
N THR C 20 1.43 32.65 37.70
CA THR C 20 0.42 33.67 37.92
C THR C 20 0.65 34.36 39.25
N VAL C 21 1.23 33.65 40.21
CA VAL C 21 1.56 34.24 41.50
C VAL C 21 2.69 35.25 41.35
N ARG C 22 3.77 34.87 40.66
CA ARG C 22 4.96 35.70 40.51
C ARG C 22 5.39 35.72 39.05
N HIS C 23 5.33 36.90 38.44
CA HIS C 23 5.84 37.09 37.08
C HIS C 23 7.36 37.12 37.04
N ALA C 24 8.03 36.82 38.16
CA ALA C 24 9.47 36.63 38.18
C ALA C 24 9.87 35.16 38.13
N SER C 25 8.96 34.25 38.44
CA SER C 25 9.26 32.82 38.44
C SER C 25 9.07 32.29 37.01
N LEU C 26 10.16 32.16 36.28
CA LEU C 26 10.14 31.73 34.89
C LEU C 26 10.95 30.44 34.74
N TYR C 27 10.33 29.42 34.17
CA TYR C 27 10.96 28.13 33.94
C TYR C 27 11.08 27.88 32.43
N ILE C 28 11.96 26.95 32.07
CA ILE C 28 12.22 26.62 30.68
C ILE C 28 12.34 25.11 30.56
N GLY C 29 11.52 24.51 29.69
CA GLY C 29 11.52 23.07 29.54
C GLY C 29 11.24 22.61 28.12
N SER C 30 11.02 21.31 27.94
CA SER C 30 10.78 20.72 26.63
C SER C 30 9.80 19.58 26.76
N THR C 31 8.72 19.63 25.98
CA THR C 31 7.65 18.65 26.04
C THR C 31 7.08 18.41 24.65
N PRO C 32 6.48 17.26 24.42
CA PRO C 32 5.64 17.07 23.23
C PRO C 32 4.16 17.27 23.54
N ASN C 33 3.82 17.40 24.82
CA ASN C 33 2.44 17.57 25.27
C ASN C 33 2.37 18.76 26.20
N PRO C 34 2.24 19.97 25.65
CA PRO C 34 2.20 21.18 26.49
C PRO C 34 1.03 21.18 27.47
N PRO C 35 -0.18 20.69 27.09
CA PRO C 35 -1.23 20.55 28.10
C PRO C 35 -0.85 19.63 29.26
N ARG C 36 -0.47 18.39 28.94
CA ARG C 36 -0.07 17.42 29.95
C ARG C 36 1.15 17.89 30.76
N ARG C 37 1.97 18.78 30.19
CA ARG C 37 3.08 19.34 30.95
C ARG C 37 2.59 20.41 31.92
N LEU C 38 1.60 21.21 31.52
CA LEU C 38 1.05 22.23 32.42
C LEU C 38 0.42 21.60 33.65
N LYS C 39 -0.22 20.44 33.48
CA LYS C 39 -0.88 19.76 34.59
C LYS C 39 0.08 19.00 35.49
N GLN C 40 1.32 18.77 35.02
CA GLN C 40 2.34 18.17 35.89
C GLN C 40 2.96 19.21 36.80
N HIS C 41 3.01 20.47 36.37
CA HIS C 41 3.55 21.55 37.19
C HIS C 41 2.52 22.14 38.13
N ASN C 42 1.24 22.17 37.73
CA ASN C 42 0.16 22.54 38.61
C ASN C 42 -0.31 21.38 39.49
N GLY C 43 0.49 20.32 39.61
CA GLY C 43 0.23 19.24 40.54
C GLY C 43 -1.02 18.41 40.25
N LEU C 44 -1.68 18.68 39.13
CA LEU C 44 -2.90 17.95 38.79
C LEU C 44 -2.63 16.50 38.38
N VAL C 45 -1.38 16.16 38.10
CA VAL C 45 -1.01 14.82 37.67
C VAL C 45 0.49 14.69 37.95
N PRO C 46 1.00 13.50 38.30
CA PRO C 46 2.41 13.41 38.70
C PRO C 46 3.36 13.80 37.59
N GLY C 47 4.50 14.34 37.98
CA GLY C 47 5.51 14.81 37.05
C GLY C 47 6.56 15.67 37.74
N GLY C 48 6.11 16.56 38.62
CA GLY C 48 6.99 17.39 39.42
C GLY C 48 8.04 18.17 38.66
N ARG C 51 12.49 22.64 40.67
CA ARG C 51 12.20 24.05 40.86
C ARG C 51 10.72 24.34 40.67
N THR C 52 9.92 23.27 40.62
CA THR C 52 8.49 23.38 40.37
C THR C 52 7.65 23.09 41.60
N SER C 53 8.27 22.68 42.71
CA SER C 53 7.54 22.05 43.79
C SER C 53 6.67 23.06 44.54
N ARG C 54 7.21 24.24 44.84
CA ARG C 54 6.57 25.16 45.76
C ARG C 54 5.14 25.48 45.35
N SER C 55 4.20 25.10 46.22
CA SER C 55 2.79 25.42 45.99
C SER C 55 2.52 26.91 46.04
N SER C 56 3.46 27.69 46.57
CA SER C 56 3.28 29.14 46.58
C SER C 56 3.29 29.71 45.16
N LEU C 57 3.93 29.02 44.22
CA LEU C 57 4.04 29.51 42.85
C LEU C 57 2.89 29.06 41.97
N ARG C 58 2.30 27.91 42.25
CA ARG C 58 1.19 27.43 41.43
C ARG C 58 -0.03 28.32 41.62
N PRO C 59 -0.84 28.51 40.57
CA PRO C 59 -0.70 27.93 39.22
C PRO C 59 0.35 28.61 38.34
N TRP C 60 0.97 27.82 37.46
CA TRP C 60 1.84 28.31 36.40
C TRP C 60 1.04 28.54 35.12
N GLU C 61 1.67 29.21 34.15
CA GLU C 61 1.07 29.38 32.83
C GLU C 61 2.16 29.37 31.77
N MET C 62 1.81 28.87 30.59
CA MET C 62 2.70 28.86 29.44
C MET C 62 2.46 30.12 28.61
N VAL C 63 3.43 31.02 28.61
CA VAL C 63 3.28 32.29 27.89
C VAL C 63 3.92 32.27 26.51
N ALA C 64 4.86 31.37 26.26
CA ALA C 64 5.58 31.34 24.99
C ALA C 64 6.24 29.98 24.82
N LEU C 65 6.16 29.42 23.61
CA LEU C 65 6.81 28.16 23.29
C LEU C 65 7.27 28.18 21.84
N VAL C 66 8.36 27.46 21.59
CA VAL C 66 8.91 27.28 20.25
C VAL C 66 8.57 25.88 19.78
N SER C 67 8.02 25.77 18.57
CA SER C 67 7.57 24.49 18.02
C SER C 67 8.42 24.08 16.82
N GLY C 68 8.28 22.81 16.44
CA GLY C 68 8.85 22.31 15.21
C GLY C 68 10.16 21.57 15.30
N PHE C 69 10.50 21.00 16.45
CA PHE C 69 11.76 20.28 16.48
C PHE C 69 11.62 18.91 15.83
N PRO C 70 12.57 18.53 14.98
CA PRO C 70 12.50 17.22 14.31
C PRO C 70 12.79 16.03 15.21
N SER C 71 13.12 16.22 16.49
CA SER C 71 13.42 15.09 17.35
C SER C 71 13.34 15.52 18.81
N MET C 72 13.12 14.53 19.68
CA MET C 72 13.31 14.76 21.12
C MET C 72 14.72 15.25 21.40
N VAL C 73 15.69 14.77 20.63
CA VAL C 73 17.07 15.18 20.79
C VAL C 73 17.24 16.66 20.45
N ALA C 74 16.75 17.07 19.27
CA ALA C 74 16.92 18.45 18.84
C ALA C 74 16.29 19.42 19.82
N ALA C 75 15.12 19.07 20.36
CA ALA C 75 14.47 19.92 21.35
C ALA C 75 15.26 20.01 22.65
N LEU C 76 16.22 19.11 22.87
CA LEU C 76 17.06 19.16 24.05
C LEU C 76 18.27 20.07 23.84
N LYS C 77 18.93 19.97 22.67
CA LYS C 77 20.03 20.86 22.38
C LYS C 77 19.60 22.31 22.41
N PHE C 78 18.31 22.57 22.15
CA PHE C 78 17.74 23.91 22.28
C PHE C 78 17.32 24.22 23.72
N GLN C 79 16.61 23.28 24.37
CA GLN C 79 16.24 23.45 25.77
C GLN C 79 17.45 23.72 26.63
N TRP C 80 18.55 23.01 26.37
CA TRP C 80 19.77 23.20 27.14
C TRP C 80 20.37 24.58 26.88
N ALA C 81 20.69 24.87 25.61
CA ALA C 81 21.36 26.13 25.27
C ALA C 81 20.53 27.36 25.63
N LEU C 82 19.21 27.21 25.81
CA LEU C 82 18.38 28.31 26.26
C LEU C 82 18.27 28.38 27.78
N THR C 83 18.62 27.29 28.47
CA THR C 83 18.66 27.32 29.93
C THR C 83 19.85 28.12 30.43
N ASN C 84 21.02 27.92 29.82
CA ASN C 84 22.24 28.66 30.17
C ASN C 84 22.69 29.53 28.99
N PRO C 85 22.36 30.83 28.99
CA PRO C 85 22.80 31.68 27.87
C PRO C 85 24.29 31.97 27.89
N HIS C 86 24.94 31.87 29.04
CA HIS C 86 26.37 32.13 29.12
C HIS C 86 27.17 31.10 28.33
N LEU C 87 26.76 29.83 28.38
CA LEU C 87 27.47 28.77 27.66
C LEU C 87 26.65 28.27 26.48
N ARG C 114 17.85 37.06 33.90
CA ARG C 114 17.05 37.22 35.10
C ARG C 114 15.56 37.35 34.77
N SER C 115 15.22 38.38 34.00
CA SER C 115 13.84 38.71 33.69
C SER C 115 13.46 38.22 32.31
N LEU C 116 12.24 38.58 31.90
CA LEU C 116 11.78 38.26 30.55
C LEU C 116 12.66 38.92 29.50
N ALA C 117 13.22 40.09 29.81
CA ALA C 117 14.09 40.78 28.86
C ALA C 117 15.33 39.97 28.55
N SER C 118 15.93 39.37 29.59
CA SER C 118 17.03 38.45 29.36
C SER C 118 16.57 37.22 28.60
N VAL C 119 15.34 36.77 28.85
CA VAL C 119 14.82 35.61 28.14
C VAL C 119 14.60 35.94 26.67
N VAL C 120 13.87 37.02 26.40
CA VAL C 120 13.51 37.37 25.03
C VAL C 120 14.74 37.59 24.17
N ALA C 121 15.75 38.28 24.70
CA ALA C 121 16.95 38.57 23.93
C ALA C 121 17.70 37.30 23.56
N ASN C 122 17.76 36.32 24.46
CA ASN C 122 18.52 35.11 24.18
C ASN C 122 17.80 34.23 23.16
N LEU C 123 16.48 34.13 23.24
CA LEU C 123 15.72 33.39 22.24
C LEU C 123 15.87 34.02 20.86
N HIS C 124 15.74 35.34 20.77
CA HIS C 124 15.90 36.04 19.50
C HIS C 124 17.33 35.96 18.98
N LEU C 125 18.29 35.54 19.79
CA LEU C 125 19.65 35.27 19.34
C LEU C 125 19.87 33.81 19.01
N LEU C 126 19.34 32.89 19.82
CA LEU C 126 19.54 31.46 19.59
C LEU C 126 18.90 31.02 18.29
N LEU C 127 17.81 31.67 17.87
CA LEU C 127 17.18 31.34 16.59
C LEU C 127 18.02 31.79 15.40
N ARG C 128 19.17 32.42 15.63
CA ARG C 128 20.05 32.87 14.56
C ARG C 128 21.42 32.19 14.57
N VAL C 129 21.77 31.48 15.64
CA VAL C 129 23.04 30.80 15.80
C VAL C 129 23.23 29.80 14.65
N PRO C 130 24.46 29.61 14.15
CA PRO C 130 24.68 28.60 13.10
C PRO C 130 24.09 27.23 13.39
N SER C 131 24.10 26.81 14.65
CA SER C 131 23.60 25.48 14.98
C SER C 131 22.09 25.37 14.82
N PHE C 132 21.36 26.50 14.89
CA PHE C 132 19.91 26.50 14.94
C PHE C 132 19.25 27.16 13.74
N ALA C 133 20.02 27.76 12.84
CA ALA C 133 19.47 28.68 11.84
C ALA C 133 18.71 27.98 10.71
N ARG C 134 18.96 26.69 10.49
CA ARG C 134 18.30 25.97 9.40
C ARG C 134 17.25 24.98 9.89
N TRP C 135 16.94 24.97 11.18
CA TRP C 135 15.91 24.10 11.70
C TRP C 135 14.52 24.69 11.44
N PRO C 136 13.52 23.82 11.17
CA PRO C 136 12.17 24.33 10.85
C PRO C 136 11.36 24.66 12.12
N LEU C 137 11.51 25.88 12.62
CA LEU C 137 10.91 26.24 13.90
C LEU C 137 9.77 27.25 13.71
N ARG C 138 9.06 27.49 14.82
CA ARG C 138 7.93 28.42 14.83
C ARG C 138 7.68 28.86 16.27
N VAL C 139 7.56 30.17 16.47
CA VAL C 139 7.41 30.75 17.80
C VAL C 139 5.93 31.03 18.05
N HIS C 140 5.43 30.59 19.20
CA HIS C 140 4.06 30.85 19.63
C HIS C 140 4.07 31.69 20.90
N PHE C 141 3.23 32.72 20.93
CA PHE C 141 3.07 33.57 22.09
C PHE C 141 1.62 33.50 22.55
N PHE C 142 1.42 33.32 23.86
CA PHE C 142 0.08 33.17 24.42
C PHE C 142 -0.20 34.18 25.54
N ARG C 143 0.54 35.28 25.59
CA ARG C 143 0.25 36.35 26.54
C ARG C 143 0.58 37.69 25.88
N ARG C 144 -0.34 38.64 26.02
CA ARG C 144 -0.28 39.87 25.24
C ARG C 144 0.89 40.77 25.62
N ASP C 145 1.43 40.62 26.83
CA ASP C 145 2.57 41.43 27.25
C ASP C 145 3.90 40.78 26.91
N VAL C 146 3.97 39.45 26.93
CA VAL C 146 5.20 38.77 26.53
C VAL C 146 5.48 39.02 25.06
N PHE C 147 4.43 39.06 24.24
CA PHE C 147 4.60 39.39 22.83
C PHE C 147 5.07 40.83 22.67
N ALA C 148 4.56 41.74 23.50
CA ALA C 148 5.07 43.10 23.51
C ALA C 148 6.51 43.15 24.00
N ALA C 149 6.86 42.29 24.95
CA ALA C 149 8.25 42.17 25.38
C ALA C 149 9.12 41.62 24.27
N TRP C 150 8.59 40.67 23.50
CA TRP C 150 9.29 40.19 22.32
C TRP C 150 9.48 41.31 21.31
N GLU C 151 8.38 41.88 20.83
CA GLU C 151 8.36 42.94 19.83
C GLU C 151 9.35 44.05 20.15
N LYS C 152 9.43 44.44 21.43
CA LYS C 152 10.32 45.52 21.84
C LYS C 152 11.78 45.16 21.56
N TRP C 153 12.22 43.99 22.02
CA TRP C 153 13.59 43.58 21.76
C TRP C 153 13.83 43.32 20.28
N CYS C 154 12.84 42.76 19.59
CA CYS C 154 12.97 42.43 18.17
C CYS C 154 13.37 43.66 17.35
N ALA C 155 12.71 44.79 17.62
CA ALA C 155 12.98 46.00 16.86
C ALA C 155 14.36 46.57 17.18
N ALA C 156 14.73 46.58 18.46
CA ALA C 156 15.97 47.24 18.87
C ALA C 156 17.20 46.50 18.36
N ALA C 157 17.18 45.17 18.43
CA ALA C 157 18.32 44.34 18.06
C ALA C 157 18.77 44.58 16.62
N LEU C 161 17.18 37.51 11.58
CA LEU C 161 15.95 36.77 11.83
C LEU C 161 15.18 36.58 10.53
N ARG C 162 15.52 35.51 9.80
CA ARG C 162 14.96 35.17 8.50
C ARG C 162 13.44 35.16 8.53
N PRO C 163 12.76 35.55 7.44
CA PRO C 163 11.30 35.61 7.45
C PRO C 163 10.63 34.27 7.28
N SER C 164 11.36 33.24 6.83
CA SER C 164 10.81 31.89 6.85
C SER C 164 10.51 31.42 8.27
N LEU C 165 11.17 32.01 9.26
CA LEU C 165 10.91 31.72 10.67
C LEU C 165 9.63 32.44 11.09
N ALA C 166 8.62 31.68 11.49
CA ALA C 166 7.31 32.25 11.73
C ALA C 166 7.20 32.79 13.16
N VAL C 167 6.18 33.64 13.37
CA VAL C 167 5.83 34.15 14.68
C VAL C 167 4.31 34.26 14.76
N VAL C 168 3.67 33.33 15.45
CA VAL C 168 2.22 33.29 15.60
C VAL C 168 1.88 33.57 17.06
N THR C 169 0.76 34.27 17.26
CA THR C 169 0.26 34.59 18.59
C THR C 169 -1.12 33.98 18.78
N ASP C 170 -1.50 33.84 20.05
CA ASP C 170 -2.82 33.29 20.38
C ASP C 170 -3.13 33.69 21.82
N PHE C 171 -3.67 34.90 21.99
CA PHE C 171 -4.10 35.37 23.31
C PHE C 171 -5.58 35.04 23.51
N GLU C 172 -6.15 35.54 24.59
CA GLU C 172 -7.57 35.32 24.87
C GLU C 172 -8.42 36.41 24.24
N CYS C 197 -11.31 27.64 21.70
CA CYS C 197 -10.14 27.29 22.48
C CYS C 197 -8.91 28.07 22.02
N TRP C 198 -8.06 28.44 22.98
CA TRP C 198 -6.92 29.30 22.73
C TRP C 198 -5.65 28.65 23.30
N GLY C 199 -4.55 29.40 23.20
CA GLY C 199 -3.29 29.07 23.85
C GLY C 199 -2.71 27.74 23.39
N ILE C 200 -2.07 27.06 24.34
CA ILE C 200 -1.46 25.75 24.08
C ILE C 200 -2.51 24.68 23.80
N HIS C 201 -3.78 24.97 24.04
CA HIS C 201 -4.84 23.99 23.87
C HIS C 201 -5.41 23.97 22.46
N ALA C 202 -5.03 24.94 21.61
CA ALA C 202 -5.32 24.87 20.18
C ALA C 202 -4.18 24.27 19.38
N LEU C 203 -3.01 24.12 19.98
CA LEU C 203 -1.90 23.41 19.36
C LEU C 203 -2.27 21.95 19.20
N PRO C 204 -2.29 21.40 17.98
CA PRO C 204 -2.62 19.98 17.81
C PRO C 204 -1.45 19.10 18.25
N LEU C 205 -1.74 18.11 19.10
CA LEU C 205 -0.72 17.27 19.68
C LEU C 205 -0.33 16.07 18.81
N ASP C 206 -1.00 15.87 17.68
CA ASP C 206 -0.72 14.73 16.80
C ASP C 206 -0.54 15.20 15.37
N TYR C 207 -0.67 14.28 14.42
CA TYR C 207 -0.39 14.52 13.01
C TYR C 207 -1.61 15.01 12.22
N GLU C 208 -2.73 15.27 12.90
CA GLU C 208 -3.98 15.56 12.21
C GLU C 208 -3.94 16.74 11.25
N PRO C 209 -3.08 17.75 11.44
CA PRO C 209 -2.93 18.76 10.37
C PRO C 209 -2.49 18.18 9.03
N ILE C 210 -1.50 17.28 9.02
CA ILE C 210 -0.92 16.80 7.78
C ILE C 210 -1.59 15.51 7.32
N LYS C 211 -2.79 15.23 7.85
CA LYS C 211 -3.50 14.00 7.51
C LYS C 211 -3.72 13.90 6.00
N ASP C 212 -4.20 14.98 5.37
CA ASP C 212 -4.47 14.93 3.95
C ASP C 212 -3.21 14.62 3.15
N TYR C 213 -2.10 15.26 3.51
CA TYR C 213 -0.83 15.04 2.81
C TYR C 213 -0.35 13.60 3.01
N VAL C 214 -0.49 13.07 4.23
CA VAL C 214 -0.10 11.69 4.49
C VAL C 214 -0.95 10.72 3.68
N ALA C 215 -2.25 11.00 3.53
CA ALA C 215 -3.11 10.14 2.74
C ALA C 215 -2.77 10.23 1.26
N LYS C 216 -2.38 11.42 0.79
CA LYS C 216 -1.97 11.56 -0.60
C LYS C 216 -0.75 10.71 -0.92
N GLY C 217 0.21 10.64 0.01
CA GLY C 217 1.36 9.79 -0.19
C GLY C 217 1.01 8.31 -0.18
N GLN C 218 0.09 7.92 0.69
CA GLN C 218 -0.33 6.52 0.74
C GLN C 218 -1.05 6.12 -0.54
N GLU C 219 -1.87 7.00 -1.10
CA GLU C 219 -2.53 6.70 -2.37
C GLU C 219 -1.51 6.52 -3.48
N ILE C 220 -0.46 7.34 -3.48
CA ILE C 220 0.55 7.28 -4.54
C ILE C 220 1.40 6.02 -4.40
N PHE C 221 2.01 5.83 -3.22
CA PHE C 221 3.04 4.81 -3.08
C PHE C 221 2.47 3.40 -2.99
N GLU C 222 1.25 3.26 -2.46
CA GLU C 222 0.61 1.94 -2.46
C GLU C 222 0.37 1.45 -3.88
N PHE C 223 -0.08 2.35 -4.76
CA PHE C 223 -0.40 1.99 -6.14
C PHE C 223 0.81 2.13 -7.07
N GLU C 224 2.01 2.26 -6.52
CA GLU C 224 3.24 2.33 -7.31
C GLU C 224 3.17 3.45 -8.34
N ARG C 225 2.65 4.61 -7.93
CA ARG C 225 2.45 5.75 -8.81
C ARG C 225 3.52 6.82 -8.64
N GLN C 226 4.72 6.47 -8.17
CA GLN C 226 5.75 7.50 -8.00
C GLN C 226 6.09 8.16 -9.33
N GLY C 227 6.07 7.40 -10.42
CA GLY C 227 6.44 7.95 -11.71
C GLY C 227 7.94 8.15 -11.79
N ALA C 228 8.35 9.24 -12.44
CA ALA C 228 9.75 9.62 -12.55
C ALA C 228 10.04 10.83 -11.66
N CYS C 229 11.28 10.90 -11.18
CA CYS C 229 11.68 12.02 -10.33
C CYS C 229 11.46 13.34 -11.08
N VAL C 230 11.16 14.39 -10.31
CA VAL C 230 10.77 15.64 -10.93
C VAL C 230 11.97 16.57 -11.03
N VAL C 231 13.16 16.04 -10.74
CA VAL C 231 14.39 16.82 -10.83
C VAL C 231 15.33 16.19 -11.84
N CYS C 232 15.79 14.96 -11.56
CA CYS C 232 16.61 14.20 -12.50
C CYS C 232 15.80 13.63 -13.65
N ARG C 233 14.47 13.61 -13.52
CA ARG C 233 13.55 13.20 -14.58
C ARG C 233 13.79 11.75 -15.02
N GLU C 234 14.28 10.93 -14.11
CA GLU C 234 14.54 9.52 -14.36
C GLU C 234 13.59 8.67 -13.51
N GLU C 235 13.13 7.57 -14.09
CA GLU C 235 12.07 6.78 -13.45
C GLU C 235 12.53 6.24 -12.11
N MET C 236 11.62 6.24 -11.14
CA MET C 236 11.87 5.74 -9.79
C MET C 236 11.11 4.43 -9.61
N ALA C 237 11.83 3.41 -9.12
CA ALA C 237 11.22 2.12 -8.84
C ALA C 237 10.66 2.10 -7.43
N SER C 238 9.57 1.35 -7.24
CA SER C 238 9.01 1.19 -5.92
C SER C 238 10.03 0.50 -5.01
N GLY C 239 10.34 1.13 -3.88
CA GLY C 239 11.25 0.58 -2.92
C GLY C 239 12.71 1.01 -3.06
N ASP C 240 13.10 1.52 -4.23
CA ASP C 240 14.49 1.89 -4.47
C ASP C 240 14.72 3.32 -3.98
N GLY C 241 15.44 3.46 -2.86
CA GLY C 241 15.85 4.77 -2.38
C GLY C 241 14.76 5.63 -1.77
N LEU C 242 15.16 6.63 -1.02
CA LEU C 242 14.21 7.52 -0.37
C LEU C 242 13.58 8.46 -1.40
N GLN C 243 12.25 8.50 -1.44
CA GLN C 243 11.51 9.32 -2.38
C GLN C 243 10.60 10.25 -1.59
N ALA C 244 10.86 11.56 -1.68
CA ALA C 244 10.08 12.55 -0.98
C ALA C 244 8.99 13.11 -1.89
N LEU C 245 7.91 13.57 -1.28
CA LEU C 245 6.70 13.96 -1.98
C LEU C 245 6.43 15.45 -1.81
N CYS C 246 5.91 16.07 -2.86
CA CYS C 246 5.49 17.47 -2.79
C CYS C 246 4.42 17.64 -1.71
N THR C 247 4.30 18.88 -1.22
CA THR C 247 3.48 19.17 -0.05
C THR C 247 2.32 20.11 -0.34
N ASN C 248 1.98 20.34 -1.61
CA ASN C 248 0.79 21.10 -1.98
C ASN C 248 -0.31 20.15 -2.39
N GLN C 249 -1.53 20.44 -1.94
CA GLN C 249 -2.66 19.57 -2.22
C GLN C 249 -2.89 19.48 -3.73
N GLY C 250 -3.27 18.29 -4.19
CA GLY C 250 -3.56 18.07 -5.59
C GLY C 250 -2.36 17.89 -6.49
N CYS C 251 -1.14 17.89 -5.94
CA CYS C 251 0.06 17.67 -6.74
C CYS C 251 0.75 16.39 -6.28
N ASP C 252 1.17 15.57 -7.24
CA ASP C 252 1.79 14.28 -6.98
C ASP C 252 3.26 14.27 -7.39
N GLY C 253 3.97 15.35 -7.08
CA GLY C 253 5.38 15.43 -7.42
C GLY C 253 6.28 14.65 -6.47
N VAL C 254 6.87 13.56 -6.97
CA VAL C 254 7.77 12.73 -6.19
C VAL C 254 9.15 12.78 -6.82
N GLY C 255 10.16 12.93 -5.98
CA GLY C 255 11.54 12.92 -6.45
C GLY C 255 12.44 12.32 -5.38
N HIS C 256 13.64 11.93 -5.81
CA HIS C 256 14.63 11.41 -4.88
C HIS C 256 14.89 12.42 -3.77
N LEU C 257 15.14 11.91 -2.57
CA LEU C 257 15.47 12.79 -1.45
C LEU C 257 16.70 13.63 -1.76
N SER C 258 17.68 13.04 -2.45
CA SER C 258 18.90 13.78 -2.79
C SER C 258 18.62 14.85 -3.84
N CYS C 259 17.81 14.53 -4.85
CA CYS C 259 17.54 15.48 -5.92
C CYS C 259 16.63 16.62 -5.48
N TRP C 260 15.76 16.38 -4.49
CA TRP C 260 15.02 17.49 -3.90
C TRP C 260 15.95 18.50 -3.26
N SER C 261 16.97 18.01 -2.54
CA SER C 261 17.83 18.90 -1.76
C SER C 261 18.61 19.85 -2.66
N ARG C 262 19.22 19.32 -3.72
CA ARG C 262 20.02 20.17 -4.59
C ARG C 262 19.15 21.15 -5.38
N HIS C 263 17.90 20.78 -5.66
CA HIS C 263 16.99 21.71 -6.33
C HIS C 263 16.63 22.87 -5.42
N PHE C 264 16.47 22.60 -4.12
CA PHE C 264 16.17 23.67 -3.18
C PHE C 264 17.37 24.58 -2.96
N LEU C 265 18.55 24.00 -2.84
CA LEU C 265 19.76 24.73 -2.46
C LEU C 265 20.44 25.43 -3.64
N LYS C 266 19.80 25.47 -4.81
CA LYS C 266 20.39 26.12 -5.99
C LYS C 266 20.60 27.61 -5.76
N ASP C 271 26.75 24.98 -1.62
CA ASP C 271 26.24 25.88 -0.60
C ASP C 271 26.15 25.18 0.75
N SER C 272 24.98 25.28 1.37
CA SER C 272 24.77 24.69 2.68
C SER C 272 24.48 23.20 2.53
N ILE C 273 23.98 22.59 3.59
CA ILE C 273 23.62 21.18 3.59
C ILE C 273 22.12 20.98 3.72
N LEU C 274 21.49 21.72 4.63
CA LEU C 274 20.10 21.52 5.00
C LEU C 274 19.22 22.48 4.23
N PRO C 275 18.32 22.01 3.37
CA PRO C 275 17.35 22.92 2.75
C PRO C 275 16.39 23.47 3.79
N VAL C 276 15.73 24.57 3.43
CA VAL C 276 14.76 25.21 4.33
C VAL C 276 13.48 25.47 3.54
N GLN C 277 13.58 26.33 2.54
CA GLN C 277 12.46 26.63 1.65
C GLN C 277 12.81 26.22 0.24
N GLY C 278 11.79 26.19 -0.61
CA GLY C 278 12.01 25.84 -2.01
C GLY C 278 10.72 25.90 -2.78
N GLN C 279 10.85 25.70 -4.09
CA GLN C 279 9.74 25.70 -5.02
C GLN C 279 9.69 24.35 -5.72
N CYS C 280 8.49 23.79 -5.85
CA CYS C 280 8.36 22.51 -6.53
C CYS C 280 8.42 22.70 -8.03
N PRO C 281 9.20 21.88 -8.75
CA PRO C 281 9.32 22.08 -10.21
C PRO C 281 8.03 21.81 -10.97
N LYS C 282 7.19 20.89 -10.49
CA LYS C 282 6.04 20.43 -11.27
C LYS C 282 4.80 21.28 -11.01
N CYS C 283 4.47 21.53 -9.74
CA CYS C 283 3.32 22.38 -9.42
C CYS C 283 3.68 23.85 -9.35
N GLY C 284 4.95 24.19 -9.18
CA GLY C 284 5.38 25.57 -9.08
C GLY C 284 5.14 26.21 -7.72
N GLY C 285 4.63 25.45 -6.74
CA GLY C 285 4.32 26.02 -5.45
C GLY C 285 5.46 25.98 -4.46
N GLU C 286 5.35 26.79 -3.42
CA GLU C 286 6.38 26.88 -2.39
C GLU C 286 6.19 25.77 -1.37
N MET C 287 7.32 25.31 -0.82
CA MET C 287 7.31 24.17 0.09
C MET C 287 8.28 24.40 1.24
N GLU C 288 7.87 23.98 2.44
CA GLU C 288 8.75 23.92 3.59
C GLU C 288 9.43 22.55 3.61
N TRP C 289 10.77 22.56 3.75
CA TRP C 289 11.52 21.31 3.73
C TRP C 289 11.15 20.41 4.91
N GLY C 290 10.88 21.02 6.07
CA GLY C 290 10.59 20.22 7.25
C GLY C 290 9.33 19.37 7.09
N ASN C 291 8.28 19.96 6.52
CA ASN C 291 7.05 19.20 6.30
C ASN C 291 7.28 18.05 5.34
N MET C 292 8.10 18.26 4.30
CA MET C 292 8.40 17.18 3.37
C MET C 292 9.12 16.04 4.05
N MET C 293 10.04 16.35 4.97
CA MET C 293 10.72 15.30 5.70
C MET C 293 9.82 14.64 6.73
N LYS C 294 8.86 15.40 7.27
CA LYS C 294 7.94 14.84 8.26
C LYS C 294 7.10 13.73 7.65
N GLU C 295 6.55 13.95 6.46
CA GLU C 295 5.82 12.90 5.77
C GLU C 295 6.76 11.79 5.30
N LEU C 296 7.95 12.16 4.84
CA LEU C 296 8.89 11.16 4.34
C LEU C 296 9.28 10.17 5.43
N THR C 297 9.58 10.67 6.64
CA THR C 297 9.90 9.78 7.75
C THR C 297 8.65 9.08 8.27
N LEU C 298 7.48 9.72 8.15
CA LEU C 298 6.25 9.06 8.54
C LEU C 298 5.97 7.85 7.66
N ARG C 299 6.23 7.95 6.36
CA ARG C 299 6.00 6.85 5.45
C ARG C 299 7.09 5.79 5.55
N THR C 300 8.33 6.21 5.82
CA THR C 300 9.45 5.27 5.85
C THR C 300 9.57 4.57 7.19
N ARG C 301 9.42 5.30 8.29
CA ARG C 301 9.72 4.78 9.61
C ARG C 301 8.54 4.73 10.56
N GLY C 302 7.33 5.07 10.11
CA GLY C 302 6.19 5.09 11.01
C GLY C 302 4.93 4.47 10.45
N GLN C 303 5.03 3.28 9.85
CA GLN C 303 3.89 2.65 9.21
C GLN C 303 2.79 2.25 10.21
N LYS C 304 3.07 2.30 11.51
CA LYS C 304 2.05 2.07 12.54
C LYS C 304 1.41 3.37 13.01
N GLU C 305 2.16 4.47 13.00
CA GLU C 305 1.55 5.77 13.30
C GLU C 305 0.61 6.21 12.20
N VAL C 306 0.89 5.80 10.96
CA VAL C 306 0.10 6.25 9.82
C VAL C 306 -1.26 5.55 9.81
N GLU C 307 -1.28 4.24 10.05
CA GLU C 307 -2.56 3.52 10.05
C GLU C 307 -3.47 4.04 11.17
N LYS C 308 -2.88 4.43 12.30
CA LYS C 308 -3.67 5.06 13.36
C LYS C 308 -4.18 6.42 12.92
N LEU C 309 -3.38 7.14 12.12
CA LEU C 309 -3.82 8.43 11.60
C LEU C 309 -4.93 8.26 10.57
N LEU C 310 -4.75 7.33 9.63
CA LEU C 310 -5.76 7.09 8.60
C LEU C 310 -6.93 6.26 9.10
N LYS C 311 -6.84 5.70 10.31
CA LYS C 311 -7.92 4.92 10.91
C LYS C 311 -8.37 3.77 10.01
N VAL D 17 38.80 25.62 8.18
CA VAL D 17 37.66 25.93 7.33
C VAL D 17 37.89 25.31 5.95
N SER D 18 39.16 25.23 5.55
CA SER D 18 39.52 24.38 4.41
C SER D 18 39.31 22.91 4.70
N LEU D 19 39.16 22.55 5.99
CA LEU D 19 38.74 21.21 6.36
C LEU D 19 37.23 21.02 6.19
N PHE D 20 36.46 22.08 6.46
CA PHE D 20 35.01 21.99 6.34
C PHE D 20 34.57 21.74 4.90
N ARG D 21 35.30 22.29 3.94
CA ARG D 21 34.96 22.08 2.54
C ARG D 21 35.14 20.61 2.15
N TYR D 22 36.08 19.92 2.79
CA TYR D 22 36.35 18.54 2.39
C TYR D 22 35.39 17.56 3.06
N ILE D 23 34.99 17.82 4.31
CA ILE D 23 33.93 17.05 4.93
C ILE D 23 32.64 17.20 4.15
N THR D 24 32.28 18.45 3.82
CA THR D 24 31.10 18.71 3.02
C THR D 24 31.16 17.99 1.68
N GLN D 25 32.33 17.97 1.05
CA GLN D 25 32.46 17.29 -0.23
C GLN D 25 32.48 15.77 -0.06
N ALA D 26 32.91 15.27 1.10
CA ALA D 26 32.94 13.83 1.32
C ALA D 26 31.56 13.29 1.62
N VAL D 27 30.72 14.07 2.30
CA VAL D 27 29.41 13.59 2.74
C VAL D 27 28.42 13.55 1.59
N VAL D 28 28.38 14.62 0.77
CA VAL D 28 27.35 14.76 -0.26
C VAL D 28 27.67 14.03 -1.54
N THR D 29 28.85 13.43 -1.67
CA THR D 29 29.24 12.76 -2.89
C THR D 29 29.15 11.24 -2.81
N ALA D 30 28.89 10.68 -1.63
CA ALA D 30 28.63 9.25 -1.55
C ALA D 30 27.34 8.93 -2.30
N PRO D 31 27.20 7.69 -2.79
CA PRO D 31 25.98 7.33 -3.53
C PRO D 31 24.73 7.44 -2.67
N ARG D 32 23.57 7.34 -3.33
CA ARG D 32 22.30 7.30 -2.61
C ARG D 32 21.94 5.85 -2.29
N ALA D 33 21.31 5.66 -1.13
CA ALA D 33 21.00 4.32 -0.68
C ALA D 33 19.89 3.71 -1.51
N LYS D 34 19.98 2.40 -1.74
CA LYS D 34 18.90 1.66 -2.39
C LYS D 34 17.93 1.06 -1.37
N ASP D 35 18.46 0.57 -0.25
CA ASP D 35 17.64 0.10 0.86
C ASP D 35 17.12 1.32 1.61
N PRO D 36 15.81 1.61 1.56
CA PRO D 36 15.31 2.85 2.16
C PRO D 36 15.33 2.87 3.68
N ALA D 37 15.64 1.75 4.33
CA ALA D 37 15.75 1.70 5.78
C ALA D 37 17.22 1.64 6.22
N ASN D 38 18.11 2.22 5.41
CA ASN D 38 19.54 2.28 5.72
C ASN D 38 20.15 3.46 4.99
N PRO D 39 19.79 4.69 5.34
CA PRO D 39 20.18 5.84 4.52
C PRO D 39 21.67 6.13 4.61
N SER D 40 22.15 6.89 3.63
CA SER D 40 23.51 7.40 3.67
C SER D 40 23.61 8.50 4.73
N TRP D 41 24.85 8.93 4.99
CA TRP D 41 25.07 9.97 5.99
C TRP D 41 24.39 11.27 5.57
N HIS D 42 24.64 11.72 4.33
CA HIS D 42 23.95 12.91 3.82
C HIS D 42 22.44 12.75 3.92
N GLU D 43 21.92 11.57 3.60
CA GLU D 43 20.48 11.37 3.62
C GLU D 43 19.94 11.41 5.05
N LYS D 44 20.71 10.89 6.01
CA LYS D 44 20.33 11.03 7.41
C LYS D 44 20.25 12.49 7.82
N MET D 45 21.23 13.30 7.39
CA MET D 45 21.24 14.71 7.77
C MET D 45 20.03 15.44 7.21
N LEU D 46 19.62 15.09 5.98
CA LEU D 46 18.48 15.77 5.37
C LEU D 46 17.18 15.49 6.11
N MET D 47 17.05 14.31 6.70
CA MET D 47 15.89 13.97 7.50
C MET D 47 16.02 14.42 8.96
N TYR D 48 17.00 15.28 9.25
CA TYR D 48 17.29 15.74 10.60
C TYR D 48 17.54 14.58 11.56
N ASP D 49 18.20 13.55 11.07
CA ASP D 49 18.56 12.44 11.94
C ASP D 49 19.71 12.85 12.86
N PRO D 50 19.59 12.63 14.18
CA PRO D 50 20.74 12.82 15.07
C PRO D 50 21.96 12.02 14.59
N ILE D 51 22.98 12.73 14.13
CA ILE D 51 24.19 12.10 13.60
C ILE D 51 25.12 11.81 14.77
N ILE D 52 25.25 10.54 15.14
CA ILE D 52 26.17 10.17 16.20
C ILE D 52 27.58 10.53 15.76
N LEU D 53 28.27 11.31 16.59
CA LEU D 53 29.53 11.93 16.17
C LEU D 53 30.60 10.89 15.86
N GLU D 54 30.75 9.90 16.73
CA GLU D 54 31.79 8.89 16.53
C GLU D 54 31.62 8.16 15.20
N ASP D 55 30.38 7.75 14.89
CA ASP D 55 30.15 6.94 13.70
C ASP D 55 30.46 7.73 12.44
N LEU D 56 30.12 9.02 12.41
CA LEU D 56 30.43 9.84 11.24
C LEU D 56 31.93 10.02 11.10
N THR D 57 32.62 10.40 12.19
CA THR D 57 34.07 10.53 12.14
C THR D 57 34.73 9.23 11.71
N ALA D 58 34.24 8.10 12.22
CA ALA D 58 34.80 6.81 11.82
C ALA D 58 34.58 6.56 10.33
N TRP D 59 33.40 6.91 9.83
CA TRP D 59 33.11 6.75 8.41
C TRP D 59 33.98 7.65 7.55
N LEU D 60 34.27 8.86 8.05
CA LEU D 60 34.98 9.83 7.23
C LEU D 60 36.40 9.38 6.90
N ASN D 61 37.05 8.65 7.81
CA ASN D 61 38.42 8.18 7.60
C ASN D 61 38.47 6.74 7.11
N SER D 62 37.40 6.25 6.50
CA SER D 62 37.40 4.92 5.89
C SER D 62 37.94 5.01 4.46
N GLY D 63 38.84 5.97 4.23
CA GLY D 63 39.23 6.33 2.88
C GLY D 63 38.26 7.26 2.19
N GLN D 64 37.13 7.58 2.84
CA GLN D 64 36.13 8.44 2.22
C GLN D 64 36.67 9.86 2.04
N LEU D 65 37.37 10.38 3.03
CA LEU D 65 37.96 11.71 2.91
C LEU D 65 39.04 11.74 1.82
N ASP D 66 39.72 10.61 1.61
CA ASP D 66 40.70 10.53 0.53
C ASP D 66 40.04 10.55 -0.84
N ARG D 67 38.76 10.16 -0.93
CA ARG D 67 38.07 10.20 -2.21
C ARG D 67 37.95 11.62 -2.73
N VAL D 68 37.74 12.58 -1.82
CA VAL D 68 37.69 13.99 -2.22
C VAL D 68 39.06 14.62 -2.04
N GLY D 69 40.10 13.79 -2.08
CA GLY D 69 41.48 14.26 -2.04
C GLY D 69 41.87 14.95 -0.75
N TYR D 70 41.96 14.19 0.34
CA TYR D 70 42.40 14.73 1.63
C TYR D 70 43.24 13.66 2.35
N ASP D 71 44.54 13.66 2.06
CA ASP D 71 45.47 12.87 2.86
C ASP D 71 45.57 13.47 4.26
N GLY D 72 45.22 12.68 5.26
CA GLY D 72 45.25 13.13 6.63
C GLY D 72 44.23 12.37 7.46
N GLU D 73 43.95 12.92 8.63
CA GLU D 73 43.00 12.32 9.57
C GLU D 73 42.04 13.39 10.06
N VAL D 74 40.84 12.96 10.44
CA VAL D 74 39.78 13.85 10.90
C VAL D 74 39.65 13.71 12.41
N ALA D 75 39.67 14.85 13.10
CA ALA D 75 39.46 14.91 14.55
C ALA D 75 37.98 15.09 14.85
N PRO D 76 37.48 14.34 15.84
CA PRO D 76 36.04 14.39 16.15
C PRO D 76 35.54 15.77 16.54
N GLY D 77 36.39 16.60 17.15
CA GLY D 77 35.94 17.90 17.61
C GLY D 77 35.52 18.83 16.48
N ASP D 78 36.27 18.80 15.36
CA ASP D 78 35.96 19.68 14.25
C ASP D 78 34.64 19.31 13.57
N VAL D 79 34.24 18.04 13.66
CA VAL D 79 32.97 17.61 13.08
C VAL D 79 31.81 18.27 13.82
N LYS D 80 31.95 18.41 15.14
CA LYS D 80 30.86 19.00 15.93
C LYS D 80 30.62 20.46 15.56
N LYS D 81 31.69 21.22 15.31
CA LYS D 81 31.53 22.60 14.85
C LYS D 81 31.21 22.66 13.36
N TRP D 82 31.60 21.66 12.58
CA TRP D 82 31.12 21.56 11.21
C TRP D 82 29.62 21.36 11.19
N CYS D 83 29.13 20.36 11.93
CA CYS D 83 27.69 20.16 12.05
C CYS D 83 27.01 21.41 12.61
N GLU D 84 27.65 22.05 13.59
CA GLU D 84 27.11 23.30 14.14
C GLU D 84 27.10 24.42 13.11
N SER D 85 27.93 24.32 12.07
CA SER D 85 27.88 25.30 10.98
C SER D 85 26.86 24.93 9.92
N LYS D 86 26.75 23.64 9.60
CA LYS D 86 25.74 23.17 8.66
C LYS D 86 24.37 22.95 9.31
N SER D 87 24.26 23.19 10.62
CA SER D 87 23.01 23.04 11.37
C SER D 87 22.51 21.60 11.41
N VAL D 88 23.42 20.64 11.36
CA VAL D 88 23.06 19.23 11.46
C VAL D 88 23.21 18.81 12.91
N CYS D 89 22.08 18.48 13.55
CA CYS D 89 22.10 18.09 14.95
C CYS D 89 22.89 16.79 15.13
N CYS D 90 23.91 16.84 15.98
CA CYS D 90 24.80 15.71 16.23
C CYS D 90 25.07 15.59 17.73
N LEU D 91 25.60 14.43 18.13
CA LEU D 91 25.80 14.14 19.54
C LEU D 91 26.81 13.01 19.69
N TRP D 92 27.27 12.82 20.93
CA TRP D 92 28.16 11.72 21.27
C TRP D 92 27.35 10.51 21.74
N ARG D 93 27.95 9.33 21.60
CA ARG D 93 27.30 8.10 22.03
C ARG D 93 27.12 8.07 23.54
#